data_1L3I
#
_entry.id   1L3I
#
_cell.length_a   141.1
_cell.length_b   59.4
_cell.length_c   165.9
_cell.angle_alpha   90
_cell.angle_beta   109.9
_cell.angle_gamma   90
#
_symmetry.space_group_name_H-M   'C 1 2 1'
#
loop_
_entity.id
_entity.type
_entity.pdbx_description
1 polymer 'Precorrin-6y methyltransferase/putative decarboxylase'
2 non-polymer S-ADENOSYL-L-HOMOCYSTEINE
3 water water
#
_entity_poly.entity_id   1
_entity_poly.type   'polypeptide(L)'
_entity_poly.pdbx_seq_one_letter_code
;(MSE)IPDDEFIKNPSVPGPTA(MSE)EVRCLI(MSE)CLAEPGKNDVAVDVGCGTGGVTLELAGRVRRVYAIDRNPEAI
STTE(MSE)NLQRHGLGDNVTL(MSE)EGDAPEALCKIPDIDIAVVGGSGGELQEILRIIKDKLKPGGRIIVTAILLETK
FEA(MSE)ECLRDLGFDVNITELNIARGRALDRGT(MSE)(MSE)VSRNPVALIYTGVSHENKD
;
_entity_poly.pdbx_strand_id   A,B,C,D,E,F
#
loop_
_chem_comp.id
_chem_comp.type
_chem_comp.name
_chem_comp.formula
SAH non-polymer S-ADENOSYL-L-HOMOCYSTEINE 'C14 H20 N6 O5 S'
#
# COMPACT_ATOMS: atom_id res chain seq x y z
N MSE A 1 -7.15 1.45 19.54
CA MSE A 1 -7.10 0.68 18.28
C MSE A 1 -5.78 0.00 18.02
O MSE A 1 -4.70 0.51 18.32
CB MSE A 1 -7.38 1.59 17.10
CG MSE A 1 -8.71 2.25 17.17
SE MSE A 1 -10.18 1.09 16.91
CE MSE A 1 -11.05 1.50 18.56
N ILE A 2 -5.87 -1.19 17.43
CA ILE A 2 -4.71 -1.96 17.04
C ILE A 2 -4.35 -1.28 15.72
N PRO A 3 -3.16 -0.65 15.66
CA PRO A 3 -2.76 0.03 14.42
C PRO A 3 -2.91 -0.88 13.20
N ASP A 4 -3.20 -0.26 12.06
CA ASP A 4 -3.40 -0.96 10.79
C ASP A 4 -2.17 -1.75 10.39
N ASP A 5 -0.99 -1.13 10.56
CA ASP A 5 0.26 -1.77 10.18
C ASP A 5 0.70 -2.85 11.13
N GLU A 6 -0.17 -3.20 12.07
CA GLU A 6 0.11 -4.26 13.02
C GLU A 6 -0.75 -5.51 12.76
N PHE A 7 -1.21 -5.62 11.51
CA PHE A 7 -2.01 -6.74 11.01
C PHE A 7 -1.20 -7.35 9.87
N ILE A 8 -1.10 -8.67 9.83
CA ILE A 8 -0.35 -9.31 8.74
C ILE A 8 -1.33 -9.54 7.60
N LYS A 9 -0.96 -9.08 6.42
CA LYS A 9 -1.80 -9.23 5.25
C LYS A 9 -1.46 -10.45 4.41
N ASN A 10 -2.51 -11.13 3.94
CA ASN A 10 -2.38 -12.26 3.03
C ASN A 10 -2.77 -11.63 1.68
N PRO A 11 -2.04 -11.94 0.61
CA PRO A 11 -2.42 -11.30 -0.67
C PRO A 11 -3.81 -11.55 -1.26
N SER A 12 -4.52 -12.57 -0.81
CA SER A 12 -5.84 -12.89 -1.34
C SER A 12 -6.99 -12.47 -0.41
N VAL A 13 -6.66 -11.87 0.73
CA VAL A 13 -7.65 -11.47 1.71
C VAL A 13 -7.61 -9.95 1.90
N PRO A 14 -8.74 -9.26 1.62
CA PRO A 14 -8.76 -7.81 1.79
C PRO A 14 -8.75 -7.35 3.22
N GLY A 15 -8.20 -6.16 3.43
CA GLY A 15 -8.18 -5.60 4.77
C GLY A 15 -6.78 -5.35 5.26
N PRO A 16 -6.60 -4.86 6.50
CA PRO A 16 -7.70 -4.60 7.43
C PRO A 16 -8.43 -3.33 7.03
N THR A 17 -9.65 -3.19 7.52
CA THR A 17 -10.46 -2.00 7.25
C THR A 17 -9.72 -0.82 7.89
N ALA A 18 -9.69 0.31 7.17
CA ALA A 18 -9.05 1.54 7.61
C ALA A 18 -9.30 1.79 9.10
N MSE A 19 -8.23 2.02 9.86
CA MSE A 19 -8.32 2.28 11.29
C MSE A 19 -9.39 3.30 11.66
O MSE A 19 -10.19 3.06 12.54
CB MSE A 19 -6.96 2.72 11.86
CG MSE A 19 -6.92 2.88 13.39
SE MSE A 19 -7.46 4.67 14.02
CE MSE A 19 -8.92 4.30 15.07
N GLU A 20 -9.44 4.42 10.93
CA GLU A 20 -10.41 5.46 11.23
C GLU A 20 -11.83 4.95 11.02
N VAL A 21 -12.00 3.99 10.11
CA VAL A 21 -13.31 3.42 9.86
C VAL A 21 -13.62 2.42 10.96
N ARG A 22 -12.64 1.61 11.33
CA ARG A 22 -12.83 0.63 12.41
C ARG A 22 -13.14 1.37 13.72
N CYS A 23 -12.56 2.54 13.90
CA CYS A 23 -12.77 3.36 15.08
C CYS A 23 -14.25 3.75 15.13
N LEU A 24 -14.77 4.23 14.02
CA LEU A 24 -16.18 4.65 13.94
C LEU A 24 -17.11 3.46 14.08
N ILE A 25 -16.74 2.31 13.51
CA ILE A 25 -17.57 1.12 13.62
C ILE A 25 -17.75 0.80 15.12
N MSE A 26 -16.67 0.93 15.89
CA MSE A 26 -16.72 0.67 17.33
C MSE A 26 -17.59 1.70 18.06
O MSE A 26 -18.32 1.35 18.99
CB MSE A 26 -15.31 0.61 17.93
CG MSE A 26 -14.46 -0.55 17.42
SE MSE A 26 -15.31 -2.35 17.54
CE MSE A 26 -14.79 -2.75 19.32
N CYS A 27 -17.52 2.98 17.63
CA CYS A 27 -18.32 4.03 18.25
C CYS A 27 -19.80 3.78 18.04
N LEU A 28 -20.12 3.34 16.82
CA LEU A 28 -21.50 3.03 16.45
C LEU A 28 -21.98 1.73 17.08
N ALA A 29 -21.07 0.76 17.21
CA ALA A 29 -21.40 -0.53 17.79
C ALA A 29 -21.59 -0.48 19.31
N GLU A 30 -20.83 0.39 19.98
CA GLU A 30 -20.91 0.53 21.44
C GLU A 30 -20.76 -0.85 22.10
N PRO A 31 -19.58 -1.47 21.92
CA PRO A 31 -19.30 -2.79 22.48
C PRO A 31 -19.39 -2.87 24.00
N GLY A 32 -20.12 -3.87 24.49
CA GLY A 32 -20.27 -4.07 25.92
C GLY A 32 -19.69 -5.44 26.28
N LYS A 33 -19.16 -5.56 27.49
CA LYS A 33 -18.55 -6.80 27.93
C LYS A 33 -19.47 -8.01 27.98
N ASN A 34 -20.78 -7.80 27.90
CA ASN A 34 -21.74 -8.91 27.94
C ASN A 34 -22.42 -9.07 26.59
N ASP A 35 -21.85 -8.44 25.57
CA ASP A 35 -22.41 -8.51 24.22
C ASP A 35 -21.88 -9.68 23.45
N VAL A 36 -22.74 -10.18 22.56
CA VAL A 36 -22.39 -11.30 21.68
C VAL A 36 -22.40 -10.65 20.30
N ALA A 37 -21.28 -10.70 19.59
CA ALA A 37 -21.19 -10.07 18.30
C ALA A 37 -20.86 -11.05 17.20
N VAL A 38 -21.23 -10.68 15.97
CA VAL A 38 -20.91 -11.49 14.80
C VAL A 38 -20.28 -10.58 13.76
N ASP A 39 -19.16 -11.01 13.20
CA ASP A 39 -18.46 -10.26 12.17
C ASP A 39 -18.58 -11.06 10.89
N VAL A 40 -19.53 -10.66 10.04
CA VAL A 40 -19.77 -11.34 8.78
C VAL A 40 -18.72 -10.89 7.76
N GLY A 41 -17.84 -11.81 7.35
CA GLY A 41 -16.80 -11.47 6.40
C GLY A 41 -15.67 -10.84 7.18
N CYS A 42 -15.03 -11.63 8.04
CA CYS A 42 -13.95 -11.10 8.87
C CYS A 42 -12.67 -10.69 8.15
N GLY A 43 -12.47 -11.17 6.92
CA GLY A 43 -11.28 -10.84 6.14
C GLY A 43 -9.96 -11.00 6.89
N THR A 44 -9.19 -9.91 6.97
CA THR A 44 -7.91 -9.88 7.66
C THR A 44 -8.08 -9.89 9.21
N GLY A 45 -9.24 -9.50 9.69
CA GLY A 45 -9.48 -9.51 11.12
C GLY A 45 -9.56 -8.15 11.77
N GLY A 46 -9.52 -7.08 10.98
CA GLY A 46 -9.58 -5.74 11.53
C GLY A 46 -10.73 -5.46 12.50
N VAL A 47 -11.94 -5.90 12.14
CA VAL A 47 -13.10 -5.67 13.01
C VAL A 47 -13.17 -6.72 14.12
N THR A 48 -12.84 -7.95 13.77
CA THR A 48 -12.85 -9.06 14.73
C THR A 48 -11.92 -8.83 15.94
N LEU A 49 -10.70 -8.36 15.70
CA LEU A 49 -9.75 -8.09 16.78
C LEU A 49 -10.25 -7.05 17.76
N GLU A 50 -10.83 -5.96 17.23
CA GLU A 50 -11.37 -4.89 18.07
C GLU A 50 -12.54 -5.36 18.91
N LEU A 51 -13.43 -6.14 18.30
CA LEU A 51 -14.59 -6.69 19.01
C LEU A 51 -14.14 -7.70 20.04
N ALA A 52 -13.13 -8.51 19.69
CA ALA A 52 -12.58 -9.53 20.58
C ALA A 52 -12.23 -8.99 21.96
N GLY A 53 -11.55 -7.86 22.00
CA GLY A 53 -11.17 -7.28 23.27
C GLY A 53 -12.22 -6.46 23.97
N ARG A 54 -13.46 -6.43 23.47
CA ARG A 54 -14.49 -5.61 24.11
C ARG A 54 -15.80 -6.31 24.45
N VAL A 55 -16.08 -7.42 23.79
CA VAL A 55 -17.32 -8.14 24.03
C VAL A 55 -17.07 -9.52 24.66
N ARG A 56 -18.17 -10.21 24.96
CA ARG A 56 -18.09 -11.54 25.58
C ARG A 56 -17.70 -12.62 24.58
N ARG A 57 -18.43 -12.71 23.47
CA ARG A 57 -18.16 -13.71 22.44
C ARG A 57 -18.32 -13.11 21.05
N VAL A 58 -17.38 -13.41 20.16
CA VAL A 58 -17.43 -12.91 18.80
C VAL A 58 -17.45 -14.12 17.87
N TYR A 59 -18.32 -14.07 16.87
CA TYR A 59 -18.41 -15.13 15.86
C TYR A 59 -17.91 -14.50 14.55
N ALA A 60 -16.73 -14.93 14.09
CA ALA A 60 -16.13 -14.41 12.86
C ALA A 60 -16.33 -15.39 11.71
N ILE A 61 -17.05 -14.94 10.69
CA ILE A 61 -17.37 -15.78 9.54
C ILE A 61 -16.68 -15.31 8.26
N ASP A 62 -16.31 -16.27 7.41
CA ASP A 62 -15.70 -15.97 6.11
C ASP A 62 -15.69 -17.18 5.16
N ARG A 63 -16.01 -16.91 3.89
CA ARG A 63 -16.01 -17.91 2.83
C ARG A 63 -14.58 -18.39 2.60
N ASN A 64 -13.67 -17.43 2.59
CA ASN A 64 -12.27 -17.69 2.33
C ASN A 64 -11.53 -18.35 3.48
N PRO A 65 -11.05 -19.61 3.28
CA PRO A 65 -10.31 -20.37 4.28
C PRO A 65 -9.11 -19.53 4.69
N GLU A 66 -8.57 -18.79 3.72
CA GLU A 66 -7.42 -17.94 3.94
C GLU A 66 -7.71 -16.74 4.81
N ALA A 67 -8.95 -16.25 4.72
CA ALA A 67 -9.35 -15.12 5.56
C ALA A 67 -9.46 -15.63 7.01
N ILE A 68 -9.97 -16.87 7.18
CA ILE A 68 -10.11 -17.44 8.51
C ILE A 68 -8.73 -17.69 9.14
N SER A 69 -7.78 -18.11 8.29
CA SER A 69 -6.42 -18.35 8.74
C SER A 69 -5.71 -17.03 9.12
N THR A 70 -5.88 -15.99 8.29
CA THR A 70 -5.28 -14.67 8.53
C THR A 70 -5.82 -14.04 9.82
N THR A 71 -7.13 -14.16 10.02
CA THR A 71 -7.77 -13.63 11.23
C THR A 71 -7.26 -14.38 12.49
N GLU A 72 -7.17 -15.71 12.46
CA GLU A 72 -6.69 -16.47 13.62
C GLU A 72 -5.23 -16.09 13.92
N MSE A 73 -4.47 -15.90 12.86
CA MSE A 73 -3.07 -15.52 12.95
C MSE A 73 -2.94 -14.14 13.64
O MSE A 73 -2.12 -13.96 14.54
CB MSE A 73 -2.51 -15.45 11.55
CG MSE A 73 -1.05 -15.73 11.46
SE MSE A 73 -0.38 -14.79 9.93
CE MSE A 73 0.73 -13.56 10.88
N ASN A 74 -3.74 -13.17 13.19
CA ASN A 74 -3.72 -11.83 13.77
C ASN A 74 -4.28 -11.80 15.21
N LEU A 75 -5.23 -12.69 15.49
CA LEU A 75 -5.80 -12.79 16.84
C LEU A 75 -4.70 -13.28 17.78
N GLN A 76 -4.03 -14.37 17.38
CA GLN A 76 -2.96 -14.93 18.19
C GLN A 76 -1.83 -13.97 18.49
N ARG A 77 -1.33 -13.28 17.47
CA ARG A 77 -0.23 -12.32 17.65
C ARG A 77 -0.54 -11.17 18.62
N HIS A 78 -1.82 -10.87 18.82
CA HIS A 78 -2.17 -9.80 19.74
C HIS A 78 -2.65 -10.34 21.10
N GLY A 79 -2.50 -11.66 21.30
CA GLY A 79 -2.89 -12.31 22.54
C GLY A 79 -4.40 -12.39 22.74
N LEU A 80 -5.12 -12.45 21.63
CA LEU A 80 -6.56 -12.52 21.67
C LEU A 80 -7.03 -13.81 21.01
N GLY A 81 -8.35 -13.99 20.94
CA GLY A 81 -8.88 -15.17 20.30
C GLY A 81 -9.58 -16.22 21.12
N ASP A 82 -9.37 -16.24 22.44
CA ASP A 82 -10.03 -17.28 23.22
C ASP A 82 -11.56 -17.12 23.35
N ASN A 83 -12.09 -15.97 22.94
CA ASN A 83 -13.54 -15.71 22.98
C ASN A 83 -14.09 -15.52 21.56
N VAL A 84 -13.29 -15.93 20.58
CA VAL A 84 -13.66 -15.81 19.17
C VAL A 84 -13.89 -17.19 18.56
N THR A 85 -15.05 -17.37 17.95
CA THR A 85 -15.40 -18.62 17.29
C THR A 85 -15.31 -18.37 15.80
N LEU A 86 -14.25 -18.90 15.19
CA LEU A 86 -14.03 -18.75 13.74
C LEU A 86 -14.91 -19.75 13.00
N MSE A 87 -15.54 -19.31 11.93
CA MSE A 87 -16.41 -20.17 11.15
C MSE A 87 -16.18 -20.01 9.66
O MSE A 87 -16.51 -18.96 9.09
CB MSE A 87 -17.87 -19.86 11.47
CG MSE A 87 -18.21 -19.94 12.94
SE MSE A 87 -20.09 -19.63 13.23
CE MSE A 87 -20.04 -17.71 13.35
N GLU A 88 -15.60 -21.01 9.03
CA GLU A 88 -15.38 -20.94 7.60
C GLU A 88 -16.67 -21.37 6.92
N GLY A 89 -17.07 -20.64 5.89
CA GLY A 89 -18.28 -20.98 5.18
C GLY A 89 -19.05 -19.76 4.74
N ASP A 90 -20.08 -20.00 3.96
CA ASP A 90 -20.92 -18.94 3.46
C ASP A 90 -21.75 -18.41 4.64
N ALA A 91 -21.85 -17.09 4.76
CA ALA A 91 -22.55 -16.43 5.85
C ALA A 91 -23.94 -16.90 6.27
N PRO A 92 -24.89 -16.98 5.32
CA PRO A 92 -26.23 -17.42 5.76
C PRO A 92 -26.25 -18.76 6.50
N GLU A 93 -25.53 -19.76 5.96
CA GLU A 93 -25.43 -21.08 6.57
C GLU A 93 -24.87 -20.96 7.97
N ALA A 94 -23.77 -20.21 8.08
CA ALA A 94 -23.05 -20.00 9.35
C ALA A 94 -23.87 -19.23 10.36
N LEU A 95 -24.56 -18.18 9.90
CA LEU A 95 -25.37 -17.33 10.76
C LEU A 95 -26.48 -18.10 11.47
N CYS A 96 -27.01 -19.12 10.81
CA CYS A 96 -28.08 -19.94 11.39
C CYS A 96 -27.63 -20.83 12.56
N LYS A 97 -26.32 -21.08 12.68
CA LYS A 97 -25.79 -21.92 13.74
C LYS A 97 -25.41 -21.19 15.03
N ILE A 98 -25.33 -19.87 14.98
CA ILE A 98 -24.95 -19.10 16.15
C ILE A 98 -26.15 -18.63 16.99
N PRO A 99 -25.91 -18.28 18.25
CA PRO A 99 -27.01 -17.81 19.10
C PRO A 99 -27.41 -16.40 18.71
N ASP A 100 -28.32 -15.80 19.48
CA ASP A 100 -28.73 -14.43 19.18
C ASP A 100 -27.60 -13.45 19.42
N ILE A 101 -27.62 -12.35 18.67
CA ILE A 101 -26.55 -11.35 18.76
C ILE A 101 -26.99 -9.95 19.18
N ASP A 102 -26.06 -9.24 19.80
CA ASP A 102 -26.29 -7.88 20.25
C ASP A 102 -25.71 -6.93 19.21
N ILE A 103 -24.64 -7.37 18.54
CA ILE A 103 -23.97 -6.58 17.54
C ILE A 103 -23.69 -7.42 16.29
N ALA A 104 -23.95 -6.84 15.13
CA ALA A 104 -23.71 -7.50 13.86
C ALA A 104 -23.02 -6.51 12.90
N VAL A 105 -21.80 -6.85 12.50
CA VAL A 105 -21.03 -6.03 11.56
C VAL A 105 -20.89 -6.86 10.27
N VAL A 106 -21.36 -6.30 9.17
CA VAL A 106 -21.27 -7.01 7.90
C VAL A 106 -20.12 -6.38 7.13
N GLY A 107 -18.97 -7.06 7.15
CA GLY A 107 -17.79 -6.57 6.45
C GLY A 107 -17.70 -7.00 5.00
N GLY A 108 -18.56 -7.93 4.58
CA GLY A 108 -18.60 -8.43 3.21
C GLY A 108 -19.88 -9.23 3.03
N SER A 109 -20.54 -9.09 1.89
CA SER A 109 -21.79 -9.83 1.65
C SER A 109 -21.74 -10.82 0.47
N GLY A 110 -20.84 -10.56 -0.49
CA GLY A 110 -20.67 -11.44 -1.63
C GLY A 110 -21.90 -11.75 -2.47
N GLY A 111 -22.80 -10.79 -2.59
CA GLY A 111 -24.01 -11.01 -3.36
C GLY A 111 -25.20 -11.44 -2.55
N GLU A 112 -24.98 -11.81 -1.29
CA GLU A 112 -26.06 -12.27 -0.43
C GLU A 112 -26.43 -11.28 0.69
N LEU A 113 -26.20 -10.00 0.45
CA LEU A 113 -26.49 -8.99 1.47
C LEU A 113 -27.90 -9.06 2.04
N GLN A 114 -28.87 -9.06 1.15
CA GLN A 114 -30.28 -9.10 1.53
C GLN A 114 -30.60 -10.29 2.44
N GLU A 115 -30.12 -11.47 2.04
CA GLU A 115 -30.33 -12.70 2.79
C GLU A 115 -29.69 -12.61 4.17
N ILE A 116 -28.41 -12.19 4.18
CA ILE A 116 -27.59 -12.02 5.37
C ILE A 116 -28.28 -11.09 6.34
N LEU A 117 -28.81 -9.98 5.84
CA LEU A 117 -29.49 -9.02 6.70
C LEU A 117 -30.80 -9.57 7.30
N ARG A 118 -31.65 -10.16 6.46
CA ARG A 118 -32.92 -10.74 6.91
C ARG A 118 -32.66 -11.69 8.05
N ILE A 119 -31.64 -12.53 7.91
CA ILE A 119 -31.25 -13.50 8.94
C ILE A 119 -30.76 -12.77 10.19
N ILE A 120 -29.89 -11.77 10.01
CA ILE A 120 -29.41 -11.02 11.18
C ILE A 120 -30.59 -10.42 11.92
N LYS A 121 -31.61 -9.97 11.20
CA LYS A 121 -32.78 -9.41 11.87
C LYS A 121 -33.36 -10.50 12.77
N ASP A 122 -33.63 -11.69 12.20
CA ASP A 122 -34.21 -12.85 12.93
C ASP A 122 -33.48 -13.29 14.22
N LYS A 123 -32.23 -12.85 14.40
CA LYS A 123 -31.46 -13.23 15.59
C LYS A 123 -30.98 -12.06 16.42
N LEU A 124 -31.43 -10.85 16.07
CA LEU A 124 -30.97 -9.65 16.79
C LEU A 124 -31.66 -9.44 18.13
N LYS A 125 -30.87 -9.39 19.20
CA LYS A 125 -31.42 -9.16 20.52
C LYS A 125 -31.98 -7.73 20.62
N PRO A 126 -32.91 -7.47 21.54
CA PRO A 126 -33.44 -6.11 21.66
C PRO A 126 -32.31 -5.14 21.93
N GLY A 127 -32.38 -3.99 21.28
CA GLY A 127 -31.34 -2.99 21.48
C GLY A 127 -30.06 -3.31 20.71
N GLY A 128 -30.13 -4.32 19.85
CA GLY A 128 -28.99 -4.73 19.04
C GLY A 128 -28.67 -3.72 17.94
N ARG A 129 -27.43 -3.73 17.48
CA ARG A 129 -26.97 -2.82 16.45
C ARG A 129 -26.44 -3.56 15.24
N ILE A 130 -26.77 -3.07 14.05
CA ILE A 130 -26.29 -3.66 12.80
C ILE A 130 -25.51 -2.55 12.08
N ILE A 131 -24.33 -2.88 11.57
CA ILE A 131 -23.48 -1.93 10.84
C ILE A 131 -22.93 -2.62 9.61
N VAL A 132 -23.22 -2.07 8.45
CA VAL A 132 -22.76 -2.64 7.21
C VAL A 132 -21.71 -1.69 6.65
N THR A 133 -20.55 -2.24 6.31
CA THR A 133 -19.44 -1.47 5.75
C THR A 133 -19.57 -1.62 4.25
N ALA A 134 -19.79 -0.51 3.53
CA ALA A 134 -19.94 -0.54 2.09
C ALA A 134 -18.94 0.23 1.26
N ILE A 135 -18.28 -0.47 0.33
CA ILE A 135 -17.34 0.20 -0.58
C ILE A 135 -17.94 0.24 -1.99
N LEU A 136 -18.90 -0.66 -2.26
CA LEU A 136 -19.58 -0.67 -3.55
C LEU A 136 -20.81 0.22 -3.49
N LEU A 137 -20.99 1.01 -4.53
CA LEU A 137 -22.14 1.92 -4.62
C LEU A 137 -23.47 1.15 -4.46
N GLU A 138 -23.53 -0.02 -5.04
CA GLU A 138 -24.74 -0.85 -5.01
C GLU A 138 -25.05 -1.29 -3.59
N THR A 139 -24.01 -1.66 -2.85
CA THR A 139 -24.17 -2.08 -1.47
C THR A 139 -24.74 -0.96 -0.60
N LYS A 140 -24.34 0.29 -0.86
CA LYS A 140 -24.83 1.42 -0.06
C LYS A 140 -26.33 1.55 -0.23
N PHE A 141 -26.79 1.46 -1.47
CA PHE A 141 -28.20 1.55 -1.79
C PHE A 141 -28.93 0.34 -1.21
N GLU A 142 -28.43 -0.84 -1.51
CA GLU A 142 -29.00 -2.11 -1.06
C GLU A 142 -29.18 -2.21 0.45
N ALA A 143 -28.13 -1.85 1.21
CA ALA A 143 -28.16 -1.90 2.67
C ALA A 143 -29.29 -1.03 3.21
N MSE A 144 -29.44 0.15 2.63
CA MSE A 144 -30.47 1.10 3.03
C MSE A 144 -31.87 0.55 2.77
O MSE A 144 -32.66 0.44 3.71
CB MSE A 144 -30.28 2.39 2.25
CG MSE A 144 -28.97 3.07 2.55
SE MSE A 144 -29.21 4.39 3.88
CE MSE A 144 -29.67 5.82 2.67
N GLU A 145 -32.18 0.22 1.51
CA GLU A 145 -33.49 -0.32 1.15
C GLU A 145 -33.82 -1.53 2.02
N CYS A 146 -32.93 -2.51 2.03
CA CYS A 146 -33.15 -3.71 2.83
C CYS A 146 -33.42 -3.43 4.29
N LEU A 147 -32.58 -2.63 4.92
CA LEU A 147 -32.77 -2.34 6.32
C LEU A 147 -34.06 -1.57 6.58
N ARG A 148 -34.47 -0.71 5.66
CA ARG A 148 -35.72 0.04 5.83
C ARG A 148 -36.87 -0.95 5.75
N ASP A 149 -36.81 -1.81 4.74
CA ASP A 149 -37.81 -2.82 4.49
C ASP A 149 -37.97 -3.80 5.65
N LEU A 150 -36.93 -3.94 6.46
CA LEU A 150 -36.99 -4.85 7.60
C LEU A 150 -37.47 -4.09 8.82
N GLY A 151 -37.86 -2.84 8.63
CA GLY A 151 -38.38 -2.04 9.73
C GLY A 151 -37.42 -1.26 10.62
N PHE A 152 -36.18 -1.11 10.20
CA PHE A 152 -35.21 -0.37 11.01
C PHE A 152 -35.13 1.10 10.65
N ASP A 153 -34.61 1.88 11.58
CA ASP A 153 -34.36 3.30 11.36
C ASP A 153 -32.91 3.25 10.85
N VAL A 154 -32.74 3.52 9.55
CA VAL A 154 -31.43 3.46 8.89
C VAL A 154 -30.68 4.78 8.75
N ASN A 155 -29.36 4.70 8.88
CA ASN A 155 -28.50 5.87 8.73
C ASN A 155 -27.29 5.53 7.87
N ILE A 156 -26.70 6.54 7.21
CA ILE A 156 -25.50 6.31 6.38
C ILE A 156 -24.48 7.41 6.60
N THR A 157 -23.23 7.03 6.82
CA THR A 157 -22.15 7.99 6.98
C THR A 157 -21.04 7.61 6.02
N GLU A 158 -20.58 8.57 5.23
CA GLU A 158 -19.50 8.31 4.28
C GLU A 158 -18.24 9.03 4.72
N LEU A 159 -17.17 8.27 4.90
CA LEU A 159 -15.90 8.85 5.31
C LEU A 159 -14.87 8.94 4.20
N ASN A 160 -14.31 10.13 4.02
CA ASN A 160 -13.24 10.33 3.06
C ASN A 160 -12.06 10.73 3.94
N ILE A 161 -11.11 9.80 4.07
CA ILE A 161 -9.94 10.01 4.93
C ILE A 161 -8.66 10.25 4.14
N ALA A 162 -7.86 11.20 4.62
CA ALA A 162 -6.60 11.53 4.00
C ALA A 162 -5.58 11.57 5.14
N ARG A 163 -4.43 10.96 4.90
CA ARG A 163 -3.37 10.91 5.91
C ARG A 163 -2.11 11.51 5.30
N GLY A 164 -1.37 12.29 6.09
CA GLY A 164 -0.15 12.90 5.61
C GLY A 164 0.99 11.90 5.44
N ARG A 165 1.80 12.09 4.40
CA ARG A 165 2.95 11.23 4.12
C ARG A 165 4.08 12.20 3.76
N ALA A 166 5.28 11.98 4.32
CA ALA A 166 6.43 12.83 4.03
C ALA A 166 6.87 12.67 2.56
N LEU A 167 6.97 13.79 1.84
CA LEU A 167 7.37 13.81 0.42
C LEU A 167 8.07 15.12 0.04
N ASP A 168 9.27 15.01 -0.52
CA ASP A 168 10.07 16.19 -0.93
C ASP A 168 10.16 17.24 0.17
N ARG A 169 10.56 16.75 1.33
CA ARG A 169 10.72 17.57 2.52
C ARG A 169 9.41 18.16 3.07
N GLY A 170 8.30 17.91 2.37
CA GLY A 170 7.00 18.39 2.81
C GLY A 170 6.07 17.26 3.20
N THR A 171 4.78 17.54 3.36
CA THR A 171 3.76 16.54 3.74
C THR A 171 2.64 16.47 2.70
N MSE A 172 2.57 15.40 1.92
CA MSE A 172 1.49 15.31 0.95
C MSE A 172 0.35 14.56 1.58
O MSE A 172 0.54 13.72 2.45
CB MSE A 172 1.94 14.62 -0.33
CG MSE A 172 2.10 13.13 -0.21
SE MSE A 172 2.08 12.33 -2.00
CE MSE A 172 0.41 13.12 -2.64
N MSE A 173 -0.86 14.86 1.14
CA MSE A 173 -2.00 14.17 1.70
C MSE A 173 -2.36 12.98 0.82
O MSE A 173 -2.54 13.11 -0.40
CB MSE A 173 -3.17 15.15 1.84
CG MSE A 173 -2.88 16.36 2.71
SE MSE A 173 -2.35 15.93 4.53
CE MSE A 173 -3.87 14.88 5.10
N VAL A 174 -2.42 11.80 1.43
CA VAL A 174 -2.75 10.57 0.71
C VAL A 174 -4.15 10.11 1.12
N SER A 175 -5.07 10.05 0.15
CA SER A 175 -6.43 9.65 0.44
C SER A 175 -6.67 8.14 0.41
N ARG A 176 -7.69 7.72 1.12
CA ARG A 176 -8.07 6.31 1.17
C ARG A 176 -9.39 6.29 0.44
N ASN A 177 -9.73 5.17 -0.18
CA ASN A 177 -10.99 5.06 -0.89
C ASN A 177 -12.13 5.31 0.09
N PRO A 178 -13.17 6.02 -0.36
CA PRO A 178 -14.28 6.27 0.56
C PRO A 178 -14.96 4.99 1.01
N VAL A 179 -15.44 4.99 2.24
CA VAL A 179 -16.15 3.86 2.80
C VAL A 179 -17.39 4.41 3.49
N ALA A 180 -18.53 3.77 3.27
CA ALA A 180 -19.76 4.20 3.92
C ALA A 180 -20.16 3.17 5.00
N LEU A 181 -20.75 3.67 6.08
CA LEU A 181 -21.21 2.81 7.15
C LEU A 181 -22.72 3.01 7.24
N ILE A 182 -23.47 1.94 6.92
CA ILE A 182 -24.92 1.96 6.98
C ILE A 182 -25.27 1.28 8.30
N TYR A 183 -25.90 2.00 9.22
CA TYR A 183 -26.22 1.43 10.52
C TYR A 183 -27.65 1.66 10.98
N THR A 184 -28.13 0.75 11.83
CA THR A 184 -29.50 0.76 12.34
C THR A 184 -29.78 1.56 13.63
N GLY A 185 -31.07 1.66 13.95
CA GLY A 185 -31.58 2.39 15.11
C GLY A 185 -31.15 2.04 16.53
N VAL A 186 -31.88 2.61 17.50
CA VAL A 186 -31.60 2.46 18.94
C VAL A 186 -31.34 1.00 19.41
N MSE B 1 -20.38 6.44 22.05
CA MSE B 1 -20.33 7.92 22.08
C MSE B 1 -21.66 8.56 22.46
O MSE B 1 -22.71 7.93 22.36
CB MSE B 1 -19.88 8.43 20.70
CG MSE B 1 -18.49 7.94 20.33
SE MSE B 1 -17.02 9.07 21.00
CE MSE B 1 -17.75 10.75 20.35
N ILE B 2 -21.59 9.81 22.92
CA ILE B 2 -22.77 10.60 23.30
C ILE B 2 -23.08 11.29 21.97
N PRO B 3 -24.23 11.00 21.36
CA PRO B 3 -24.52 11.66 20.08
C PRO B 3 -24.50 13.18 20.12
N ASP B 4 -24.09 13.79 19.02
CA ASP B 4 -24.07 15.24 18.94
C ASP B 4 -25.39 15.90 19.36
N ASP B 5 -26.52 15.31 18.99
CA ASP B 5 -27.82 15.89 19.33
C ASP B 5 -28.19 15.89 20.83
N GLU B 6 -27.36 15.31 21.69
CA GLU B 6 -27.65 15.31 23.12
C GLU B 6 -26.81 16.38 23.81
N PHE B 7 -26.20 17.25 23.01
CA PHE B 7 -25.40 18.32 23.53
C PHE B 7 -26.24 19.59 23.48
N ILE B 8 -26.51 20.20 24.64
CA ILE B 8 -27.25 21.46 24.64
C ILE B 8 -26.24 22.49 24.11
N LYS B 9 -26.66 23.28 23.13
CA LYS B 9 -25.78 24.26 22.53
C LYS B 9 -26.19 25.70 22.69
N ASN B 10 -25.19 26.56 22.86
CA ASN B 10 -25.40 28.02 22.93
C ASN B 10 -24.77 28.48 21.62
N PRO B 11 -25.58 28.98 20.67
CA PRO B 11 -25.10 29.45 19.37
C PRO B 11 -23.83 30.32 19.34
N SER B 12 -23.46 30.94 20.45
CA SER B 12 -22.26 31.76 20.50
C SER B 12 -20.99 30.94 20.82
N VAL B 13 -21.18 29.69 21.21
CA VAL B 13 -20.10 28.79 21.53
C VAL B 13 -20.03 27.62 20.51
N PRO B 14 -18.96 27.52 19.73
CA PRO B 14 -18.91 26.40 18.78
C PRO B 14 -18.86 25.03 19.44
N GLY B 15 -19.32 24.05 18.68
CA GLY B 15 -19.33 22.71 19.19
C GLY B 15 -20.75 22.21 19.19
N PRO B 16 -20.95 20.92 19.48
CA PRO B 16 -19.84 20.02 19.79
C PRO B 16 -19.10 19.60 18.51
N THR B 17 -17.86 19.14 18.68
CA THR B 17 -17.07 18.68 17.56
C THR B 17 -17.78 17.44 17.01
N ALA B 18 -17.83 17.36 15.68
CA ALA B 18 -18.44 16.24 14.95
C ALA B 18 -18.16 14.91 15.65
N MSE B 19 -19.22 14.14 15.92
CA MSE B 19 -19.09 12.84 16.59
C MSE B 19 -18.01 11.95 15.97
O MSE B 19 -17.19 11.40 16.68
CB MSE B 19 -20.44 12.09 16.58
CG MSE B 19 -20.47 10.75 17.35
SE MSE B 19 -19.90 9.16 16.31
CE MSE B 19 -18.41 8.63 17.24
N GLU B 20 -17.98 11.84 14.65
CA GLU B 20 -17.01 11.00 13.98
C GLU B 20 -15.58 11.49 14.27
N VAL B 21 -15.42 12.81 14.45
CA VAL B 21 -14.11 13.38 14.76
C VAL B 21 -13.77 13.12 16.23
N ARG B 22 -14.76 13.27 17.10
CA ARG B 22 -14.56 13.03 18.52
C ARG B 22 -14.22 11.56 18.74
N CYS B 23 -14.80 10.70 17.91
CA CYS B 23 -14.56 9.26 17.97
C CYS B 23 -13.08 9.00 17.65
N LEU B 24 -12.59 9.61 16.58
CA LEU B 24 -11.19 9.43 16.19
C LEU B 24 -10.26 10.08 17.23
N ILE B 25 -10.65 11.22 17.79
CA ILE B 25 -9.82 11.85 18.80
C ILE B 25 -9.60 10.85 19.94
N MSE B 26 -10.65 10.12 20.32
CA MSE B 26 -10.56 9.13 21.40
C MSE B 26 -9.68 7.95 21.02
O MSE B 26 -8.92 7.45 21.83
CB MSE B 26 -11.95 8.65 21.85
CG MSE B 26 -12.83 9.74 22.48
SE MSE B 26 -11.95 10.72 24.00
CE MSE B 26 -12.47 9.56 25.39
N CYS B 27 -9.76 7.52 19.76
CA CYS B 27 -8.94 6.40 19.28
C CYS B 27 -7.47 6.78 19.31
N LEU B 28 -7.19 8.02 18.96
CA LEU B 28 -5.83 8.52 18.94
C LEU B 28 -5.33 8.79 20.35
N ALA B 29 -6.24 9.26 21.21
CA ALA B 29 -5.88 9.59 22.59
C ALA B 29 -5.67 8.34 23.45
N GLU B 30 -6.41 7.28 23.16
CA GLU B 30 -6.30 6.02 23.93
C GLU B 30 -6.44 6.31 25.42
N PRO B 31 -7.60 6.84 25.84
CA PRO B 31 -7.89 7.19 27.24
C PRO B 31 -7.77 6.00 28.20
N GLY B 32 -7.05 6.20 29.29
CA GLY B 32 -6.87 5.17 30.30
C GLY B 32 -7.44 5.68 31.61
N LYS B 33 -7.96 4.78 32.44
CA LYS B 33 -8.54 5.18 33.72
C LYS B 33 -7.62 5.89 34.71
N ASN B 34 -6.32 5.84 34.48
CA ASN B 34 -5.35 6.51 35.36
C ASN B 34 -4.70 7.70 34.67
N ASP B 35 -5.29 8.13 33.56
CA ASP B 35 -4.75 9.25 32.81
C ASP B 35 -5.31 10.57 33.30
N VAL B 36 -4.49 11.60 33.15
CA VAL B 36 -4.85 12.96 33.53
C VAL B 36 -4.87 13.66 32.16
N ALA B 37 -6.01 14.23 31.80
CA ALA B 37 -6.13 14.90 30.52
C ALA B 37 -6.49 16.38 30.64
N VAL B 38 -6.11 17.13 29.61
CA VAL B 38 -6.46 18.56 29.54
C VAL B 38 -7.13 18.82 28.18
N ASP B 39 -8.25 19.51 28.21
CA ASP B 39 -8.96 19.84 27.01
C ASP B 39 -8.87 21.36 26.90
N VAL B 40 -7.96 21.83 26.04
CA VAL B 40 -7.74 23.27 25.82
C VAL B 40 -8.81 23.80 24.84
N GLY B 41 -9.69 24.66 25.33
CA GLY B 41 -10.77 25.19 24.51
C GLY B 41 -11.88 24.16 24.49
N CYS B 42 -12.51 23.92 25.64
CA CYS B 42 -13.56 22.92 25.73
C CYS B 42 -14.84 23.23 24.98
N GLY B 43 -15.09 24.50 24.66
CA GLY B 43 -16.29 24.89 23.93
C GLY B 43 -17.59 24.39 24.51
N THR B 44 -18.35 23.66 23.72
CA THR B 44 -19.61 23.06 24.14
C THR B 44 -19.41 21.84 25.07
N GLY B 45 -18.22 21.25 25.05
CA GLY B 45 -17.92 20.10 25.89
C GLY B 45 -17.86 18.75 25.19
N GLY B 46 -17.93 18.75 23.85
CA GLY B 46 -17.87 17.50 23.10
C GLY B 46 -16.71 16.58 23.47
N VAL B 47 -15.50 17.11 23.57
CA VAL B 47 -14.31 16.34 23.90
C VAL B 47 -14.22 16.07 25.41
N THR B 48 -14.54 17.09 26.21
CA THR B 48 -14.50 16.99 27.66
C THR B 48 -15.41 15.88 28.21
N LEU B 49 -16.63 15.78 27.71
CA LEU B 49 -17.56 14.75 28.17
C LEU B 49 -17.04 13.34 27.88
N GLU B 50 -16.46 13.13 26.70
CA GLU B 50 -15.94 11.83 26.34
C GLU B 50 -14.74 11.45 27.23
N LEU B 51 -13.87 12.43 27.47
CA LEU B 51 -12.69 12.21 28.32
C LEU B 51 -13.12 11.97 29.77
N ALA B 52 -14.12 12.71 30.20
CA ALA B 52 -14.65 12.60 31.57
C ALA B 52 -14.99 11.16 31.95
N GLY B 53 -15.67 10.45 31.05
CA GLY B 53 -16.03 9.08 31.35
C GLY B 53 -14.94 8.03 31.11
N ARG B 54 -13.72 8.43 30.78
CA ARG B 54 -12.68 7.46 30.51
C ARG B 54 -11.37 7.65 31.26
N VAL B 55 -11.11 8.85 31.74
CA VAL B 55 -9.86 9.10 32.45
C VAL B 55 -10.07 9.42 33.94
N ARG B 56 -8.97 9.61 34.67
CA ARG B 56 -9.04 9.92 36.10
C ARG B 56 -9.45 11.36 36.37
N ARG B 57 -8.76 12.31 35.74
CA ARG B 57 -9.06 13.72 35.94
C ARG B 57 -8.90 14.47 34.61
N VAL B 58 -9.87 15.34 34.32
CA VAL B 58 -9.86 16.14 33.10
C VAL B 58 -9.85 17.61 33.51
N TYR B 59 -9.02 18.40 32.85
CA TYR B 59 -8.95 19.84 33.11
C TYR B 59 -9.49 20.51 31.84
N ALA B 60 -10.68 21.10 31.92
CA ALA B 60 -11.30 21.76 30.79
C ALA B 60 -11.11 23.26 30.87
N ILE B 61 -10.44 23.83 29.87
CA ILE B 61 -10.14 25.26 29.84
C ILE B 61 -10.88 25.98 28.73
N ASP B 62 -11.26 27.24 28.98
CA ASP B 62 -11.89 28.08 27.97
C ASP B 62 -11.90 29.56 28.34
N ARG B 63 -11.55 30.41 27.37
CA ARG B 63 -11.52 31.87 27.53
C ARG B 63 -12.91 32.37 27.83
N ASN B 64 -13.86 31.83 27.09
CA ASN B 64 -15.27 32.19 27.16
C ASN B 64 -16.03 31.63 28.36
N PRO B 65 -16.56 32.50 29.25
CA PRO B 65 -17.31 32.03 30.43
C PRO B 65 -18.56 31.22 30.03
N GLU B 66 -19.11 31.54 28.86
CA GLU B 66 -20.27 30.87 28.31
C GLU B 66 -19.94 29.41 27.96
N ALA B 67 -18.75 29.19 27.39
CA ALA B 67 -18.30 27.85 27.03
C ALA B 67 -18.17 27.04 28.32
N ILE B 68 -17.62 27.67 29.35
CA ILE B 68 -17.48 27.04 30.66
C ILE B 68 -18.88 26.67 31.19
N SER B 69 -19.79 27.63 31.06
CA SER B 69 -21.19 27.47 31.49
C SER B 69 -21.92 26.34 30.73
N THR B 70 -21.75 26.29 29.41
CA THR B 70 -22.39 25.27 28.56
C THR B 70 -21.79 23.87 28.81
N THR B 71 -20.48 23.80 28.94
CA THR B 71 -19.78 22.52 29.19
C THR B 71 -20.26 21.95 30.52
N GLU B 72 -20.44 22.82 31.53
CA GLU B 72 -20.91 22.34 32.82
C GLU B 72 -22.34 21.82 32.73
N MSE B 73 -23.17 22.43 31.87
CA MSE B 73 -24.55 21.97 31.72
C MSE B 73 -24.63 20.60 31.10
O MSE B 73 -25.39 19.75 31.55
CB MSE B 73 -25.37 22.92 30.88
CG MSE B 73 -25.72 24.17 31.61
SE MSE B 73 -27.20 25.00 30.75
CE MSE B 73 -26.41 25.11 28.97
N ASN B 74 -23.85 20.40 30.04
CA ASN B 74 -23.81 19.11 29.37
C ASN B 74 -23.24 18.04 30.29
N LEU B 75 -22.27 18.43 31.13
CA LEU B 75 -21.71 17.47 32.07
C LEU B 75 -22.80 17.09 33.08
N GLN B 76 -23.40 18.10 33.71
CA GLN B 76 -24.46 17.89 34.72
C GLN B 76 -25.55 16.99 34.17
N ARG B 77 -25.98 17.28 32.96
CA ARG B 77 -27.01 16.48 32.30
C ARG B 77 -26.65 15.04 32.02
N HIS B 78 -25.39 14.80 31.66
CA HIS B 78 -24.97 13.43 31.37
C HIS B 78 -24.34 12.73 32.57
N GLY B 79 -24.58 13.29 33.75
CA GLY B 79 -24.10 12.72 34.99
C GLY B 79 -22.60 12.61 35.12
N LEU B 80 -21.87 13.49 34.45
CA LEU B 80 -20.42 13.47 34.53
C LEU B 80 -20.03 14.78 35.20
N GLY B 81 -18.73 15.05 35.31
CA GLY B 81 -18.32 16.31 35.90
C GLY B 81 -17.71 16.32 37.28
N ASP B 82 -17.77 15.21 37.99
CA ASP B 82 -17.19 15.20 39.32
C ASP B 82 -15.68 14.95 39.26
N ASN B 83 -15.17 14.59 38.08
CA ASN B 83 -13.73 14.37 37.88
C ASN B 83 -13.21 15.38 36.84
N VAL B 84 -13.97 16.47 36.67
CA VAL B 84 -13.64 17.53 35.72
C VAL B 84 -13.43 18.84 36.46
N THR B 85 -12.29 19.46 36.21
CA THR B 85 -11.97 20.74 36.82
C THR B 85 -12.08 21.77 35.71
N LEU B 86 -13.15 22.58 35.77
CA LEU B 86 -13.40 23.63 34.80
C LEU B 86 -12.55 24.84 35.15
N MSE B 87 -11.94 25.45 34.14
CA MSE B 87 -11.08 26.60 34.35
C MSE B 87 -11.35 27.68 33.32
O MSE B 87 -11.06 27.49 32.15
CB MSE B 87 -9.61 26.19 34.26
CG MSE B 87 -9.23 25.06 35.19
SE MSE B 87 -7.36 24.64 35.09
CE MSE B 87 -7.39 23.46 33.65
N GLU B 88 -11.93 28.79 33.75
CA GLU B 88 -12.18 29.89 32.83
C GLU B 88 -10.90 30.73 32.77
N GLY B 89 -10.52 31.13 31.56
CA GLY B 89 -9.33 31.91 31.40
C GLY B 89 -8.55 31.53 30.17
N ASP B 90 -7.54 32.33 29.86
CA ASP B 90 -6.70 32.10 28.69
C ASP B 90 -5.85 30.85 28.98
N ALA B 91 -5.76 29.97 27.98
CA ALA B 91 -5.03 28.69 28.09
C ALA B 91 -3.60 28.66 28.69
N PRO B 92 -2.66 29.47 28.18
CA PRO B 92 -1.29 29.48 28.72
C PRO B 92 -1.19 29.60 30.24
N GLU B 93 -1.92 30.57 30.81
CA GLU B 93 -1.93 30.82 32.24
C GLU B 93 -2.63 29.67 32.95
N ALA B 94 -3.75 29.20 32.39
CA ALA B 94 -4.50 28.10 32.99
C ALA B 94 -3.66 26.81 33.00
N LEU B 95 -2.96 26.56 31.90
CA LEU B 95 -2.13 25.38 31.73
C LEU B 95 -0.99 25.30 32.76
N CYS B 96 -0.48 26.45 33.20
CA CYS B 96 0.60 26.49 34.18
C CYS B 96 0.17 26.08 35.58
N LYS B 97 -1.13 26.11 35.86
CA LYS B 97 -1.67 25.76 37.18
C LYS B 97 -2.01 24.28 37.38
N ILE B 98 -2.07 23.53 36.28
CA ILE B 98 -2.44 22.12 36.39
C ILE B 98 -1.22 21.19 36.49
N PRO B 99 -1.43 19.96 36.97
CA PRO B 99 -0.31 19.02 37.09
C PRO B 99 0.09 18.48 35.71
N ASP B 100 1.02 17.53 35.69
CA ASP B 100 1.43 16.97 34.42
C ASP B 100 0.30 16.16 33.81
N ILE B 101 0.29 16.09 32.49
CA ILE B 101 -0.77 15.42 31.74
C ILE B 101 -0.30 14.25 30.89
N ASP B 102 -1.21 13.30 30.70
CA ASP B 102 -0.98 12.13 29.88
C ASP B 102 -1.57 12.37 28.49
N ILE B 103 -2.65 13.13 28.45
CA ILE B 103 -3.36 13.47 27.21
C ILE B 103 -3.66 14.97 27.14
N ALA B 104 -3.41 15.55 25.98
CA ALA B 104 -3.67 16.95 25.74
C ALA B 104 -4.38 17.10 24.41
N VAL B 105 -5.61 17.60 24.45
CA VAL B 105 -6.39 17.85 23.22
C VAL B 105 -6.57 19.37 23.11
N VAL B 106 -6.11 19.93 22.00
CA VAL B 106 -6.25 21.36 21.81
C VAL B 106 -7.43 21.58 20.86
N GLY B 107 -8.58 21.96 21.42
CA GLY B 107 -9.76 22.21 20.63
C GLY B 107 -9.91 23.64 20.10
N GLY B 108 -9.04 24.54 20.58
CA GLY B 108 -9.04 25.93 20.17
C GLY B 108 -7.76 26.58 20.67
N SER B 109 -7.13 27.44 19.88
CA SER B 109 -5.89 28.09 20.31
C SER B 109 -5.96 29.62 20.39
N GLY B 110 -6.87 30.21 19.61
CA GLY B 110 -7.07 31.65 19.62
C GLY B 110 -5.88 32.54 19.36
N GLY B 111 -4.96 32.07 18.54
CA GLY B 111 -3.78 32.84 18.23
C GLY B 111 -2.57 32.48 19.07
N GLU B 112 -2.76 31.67 20.11
CA GLU B 112 -1.66 31.28 20.98
C GLU B 112 -1.25 29.83 20.86
N LEU B 113 -1.50 29.22 19.70
CA LEU B 113 -1.18 27.81 19.48
C LEU B 113 0.24 27.44 19.87
N GLN B 114 1.20 28.16 19.31
CA GLN B 114 2.60 27.89 19.59
C GLN B 114 2.95 27.90 21.07
N GLU B 115 2.45 28.92 21.77
CA GLU B 115 2.68 29.07 23.19
C GLU B 115 2.04 27.92 23.97
N ILE B 116 0.81 27.61 23.59
CA ILE B 116 0.05 26.52 24.19
C ILE B 116 0.81 25.19 24.07
N LEU B 117 1.33 24.92 22.88
CA LEU B 117 2.07 23.68 22.63
C LEU B 117 3.37 23.56 23.43
N ARG B 118 4.15 24.63 23.45
CA ARG B 118 5.39 24.59 24.20
C ARG B 118 5.07 24.23 25.61
N ILE B 119 4.09 24.92 26.17
CA ILE B 119 3.72 24.63 27.54
C ILE B 119 3.30 23.18 27.69
N ILE B 120 2.50 22.68 26.74
CA ILE B 120 2.02 21.30 26.80
C ILE B 120 3.20 20.32 26.78
N LYS B 121 4.22 20.62 25.98
CA LYS B 121 5.40 19.77 25.92
C LYS B 121 6.00 19.62 27.33
N ASP B 122 6.22 20.75 27.99
CA ASP B 122 6.79 20.77 29.33
C ASP B 122 5.99 19.99 30.37
N LYS B 123 4.69 19.83 30.13
CA LYS B 123 3.81 19.10 31.07
C LYS B 123 3.40 17.71 30.62
N LEU B 124 3.85 17.31 29.45
CA LEU B 124 3.45 16.01 28.92
C LEU B 124 4.22 14.86 29.57
N LYS B 125 3.48 13.97 30.21
CA LYS B 125 4.11 12.81 30.83
C LYS B 125 4.68 11.93 29.71
N PRO B 126 5.75 11.16 30.03
CA PRO B 126 6.33 10.28 29.01
C PRO B 126 5.22 9.33 28.55
N GLY B 127 5.17 9.12 27.24
CA GLY B 127 4.14 8.28 26.68
C GLY B 127 2.85 9.08 26.47
N GLY B 128 2.90 10.39 26.75
CA GLY B 128 1.73 11.23 26.57
C GLY B 128 1.38 11.50 25.13
N ARG B 129 0.12 11.83 24.88
CA ARG B 129 -0.37 12.12 23.53
C ARG B 129 -0.93 13.54 23.40
N ILE B 130 -0.62 14.20 22.29
CA ILE B 130 -1.12 15.54 22.03
C ILE B 130 -1.92 15.43 20.72
N ILE B 131 -3.11 16.00 20.72
CA ILE B 131 -3.98 16.00 19.54
C ILE B 131 -4.56 17.41 19.35
N VAL B 132 -4.25 18.03 18.23
CA VAL B 132 -4.74 19.36 17.89
C VAL B 132 -5.81 19.23 16.78
N THR B 133 -6.99 19.79 17.05
CA THR B 133 -8.12 19.76 16.12
C THR B 133 -8.02 21.05 15.33
N ALA B 134 -7.82 20.96 14.02
CA ALA B 134 -7.66 22.14 13.16
C ALA B 134 -8.68 22.31 12.03
N ILE B 135 -9.37 23.45 12.04
CA ILE B 135 -10.33 23.76 10.99
C ILE B 135 -9.76 24.88 10.10
N LEU B 136 -8.81 25.63 10.65
CA LEU B 136 -8.17 26.69 9.89
C LEU B 136 -6.94 26.13 9.19
N LEU B 137 -6.77 26.49 7.92
CA LEU B 137 -5.62 26.06 7.15
C LEU B 137 -4.29 26.41 7.82
N GLU B 138 -4.24 27.59 8.43
CA GLU B 138 -3.03 28.07 9.10
C GLU B 138 -2.69 27.19 10.29
N THR B 139 -3.71 26.82 11.04
CA THR B 139 -3.55 25.96 12.20
C THR B 139 -2.97 24.60 11.81
N LYS B 140 -3.38 24.05 10.68
CA LYS B 140 -2.87 22.74 10.26
C LYS B 140 -1.37 22.84 10.02
N PHE B 141 -0.96 23.91 9.33
CA PHE B 141 0.45 24.14 9.05
C PHE B 141 1.24 24.44 10.32
N GLU B 142 0.72 25.35 11.14
CA GLU B 142 1.42 25.71 12.37
C GLU B 142 1.49 24.61 13.40
N ALA B 143 0.45 23.78 13.52
CA ALA B 143 0.48 22.68 14.49
C ALA B 143 1.60 21.70 14.08
N MSE B 144 1.61 21.32 12.80
CA MSE B 144 2.62 20.42 12.23
C MSE B 144 4.03 20.92 12.59
O MSE B 144 4.81 20.20 13.23
CB MSE B 144 2.52 20.39 10.70
CG MSE B 144 1.39 19.59 10.10
SE MSE B 144 1.56 17.67 10.33
CE MSE B 144 2.95 17.23 9.06
N GLU B 145 4.32 22.14 12.16
CA GLU B 145 5.62 22.76 12.38
C GLU B 145 5.98 22.88 13.84
N CYS B 146 5.05 23.35 14.66
CA CYS B 146 5.29 23.51 16.09
C CYS B 146 5.73 22.23 16.76
N LEU B 147 4.94 21.18 16.57
CA LEU B 147 5.25 19.91 17.18
C LEU B 147 6.58 19.34 16.67
N ARG B 148 6.86 19.47 15.37
CA ARG B 148 8.15 19.00 14.84
C ARG B 148 9.28 19.73 15.53
N ASP B 149 9.20 21.07 15.57
CA ASP B 149 10.21 21.90 16.22
C ASP B 149 10.42 21.58 17.70
N LEU B 150 9.39 21.03 18.33
CA LEU B 150 9.49 20.66 19.74
C LEU B 150 9.99 19.23 19.87
N GLY B 151 10.38 18.64 18.75
CA GLY B 151 10.92 17.28 18.76
C GLY B 151 9.98 16.09 18.68
N PHE B 152 8.72 16.29 18.32
CA PHE B 152 7.79 15.17 18.22
C PHE B 152 7.70 14.60 16.81
N ASP B 153 7.22 13.37 16.70
CA ASP B 153 6.97 12.78 15.39
C ASP B 153 5.51 13.25 15.23
N VAL B 154 5.23 13.97 14.17
CA VAL B 154 3.88 14.49 13.94
C VAL B 154 3.16 13.77 12.81
N ASN B 155 1.85 13.62 12.96
CA ASN B 155 1.04 12.97 11.95
C ASN B 155 -0.19 13.83 11.77
N ILE B 156 -0.83 13.72 10.62
CA ILE B 156 -2.02 14.50 10.33
C ILE B 156 -3.00 13.68 9.52
N THR B 157 -4.25 13.67 9.95
CA THR B 157 -5.32 12.97 9.26
C THR B 157 -6.43 13.95 9.07
N GLU B 158 -6.94 14.04 7.85
CA GLU B 158 -8.02 14.97 7.57
C GLU B 158 -9.25 14.15 7.27
N LEU B 159 -10.36 14.54 7.88
CA LEU B 159 -11.60 13.79 7.67
C LEU B 159 -12.65 14.62 6.97
N ASN B 160 -13.21 14.06 5.89
CA ASN B 160 -14.32 14.70 5.17
C ASN B 160 -15.49 13.74 5.39
N ILE B 161 -16.46 14.16 6.20
CA ILE B 161 -17.61 13.35 6.54
C ILE B 161 -18.88 13.81 5.88
N ALA B 162 -19.66 12.83 5.44
CA ALA B 162 -20.95 13.10 4.82
C ALA B 162 -21.93 12.15 5.49
N ARG B 163 -23.08 12.70 5.89
CA ARG B 163 -24.13 11.93 6.53
C ARG B 163 -25.44 12.05 5.72
N GLY B 164 -26.19 10.95 5.71
CA GLY B 164 -27.45 10.92 4.99
C GLY B 164 -28.54 11.73 5.68
N ARG B 165 -29.14 12.64 4.92
CA ARG B 165 -30.23 13.49 5.39
C ARG B 165 -31.46 13.08 4.56
N ALA B 166 -32.44 12.48 5.21
CA ALA B 166 -33.67 12.04 4.53
C ALA B 166 -34.44 13.26 4.09
N LEU B 167 -34.03 13.85 2.97
CA LEU B 167 -34.66 15.06 2.46
C LEU B 167 -35.77 14.79 1.46
N ASP B 168 -36.92 14.48 2.06
CA ASP B 168 -38.21 14.19 1.44
C ASP B 168 -38.15 13.66 0.03
N ARG B 169 -38.05 12.33 -0.07
CA ARG B 169 -37.98 11.56 -1.30
C ARG B 169 -36.78 10.61 -1.20
N GLY B 170 -35.58 11.18 -1.12
CA GLY B 170 -34.39 10.36 -1.00
C GLY B 170 -33.53 10.65 0.22
N THR B 171 -32.27 10.30 0.10
CA THR B 171 -31.29 10.52 1.14
C THR B 171 -30.23 11.38 0.50
N MSE B 172 -30.17 12.62 0.92
CA MSE B 172 -29.19 13.54 0.36
C MSE B 172 -27.93 13.53 1.19
O MSE B 172 -27.98 13.60 2.42
CB MSE B 172 -29.78 14.94 0.32
CG MSE B 172 -28.87 15.98 -0.29
SE MSE B 172 -29.49 17.71 0.26
CE MSE B 172 -30.97 17.85 -1.01
N MSE B 173 -26.78 13.42 0.54
CA MSE B 173 -25.55 13.41 1.31
C MSE B 173 -25.14 14.82 1.74
O MSE B 173 -24.86 15.68 0.89
CB MSE B 173 -24.42 12.69 0.56
CG MSE B 173 -24.71 11.22 0.22
SE MSE B 173 -25.31 10.11 1.71
CE MSE B 173 -23.71 10.19 2.82
N VAL B 174 -25.22 15.09 3.03
CA VAL B 174 -24.83 16.39 3.58
C VAL B 174 -23.45 16.30 4.22
N SER B 175 -22.53 17.07 3.69
CA SER B 175 -21.16 17.08 4.18
C SER B 175 -20.96 17.99 5.37
N ARG B 176 -19.91 17.70 6.13
CA ARG B 176 -19.53 18.52 7.27
C ARG B 176 -18.23 19.13 6.83
N ASN B 177 -17.93 20.32 7.34
CA ASN B 177 -16.68 20.97 6.98
C ASN B 177 -15.52 20.05 7.37
N PRO B 178 -14.47 20.00 6.54
CA PRO B 178 -13.34 19.13 6.87
C PRO B 178 -12.63 19.54 8.16
N VAL B 179 -12.15 18.55 8.88
CA VAL B 179 -11.45 18.82 10.12
C VAL B 179 -10.21 17.95 10.10
N ALA B 180 -9.08 18.53 10.46
CA ALA B 180 -7.84 17.78 10.49
C ALA B 180 -7.43 17.53 11.94
N LEU B 181 -6.80 16.39 12.18
CA LEU B 181 -6.30 16.06 13.51
C LEU B 181 -4.79 15.92 13.40
N ILE B 182 -4.06 16.83 14.06
CA ILE B 182 -2.59 16.79 14.05
C ILE B 182 -2.22 16.17 15.41
N TYR B 183 -1.56 15.02 15.38
CA TYR B 183 -1.23 14.32 16.60
C TYR B 183 0.20 13.84 16.69
N THR B 184 0.70 13.72 17.91
CA THR B 184 2.08 13.34 18.13
C THR B 184 2.39 11.90 18.47
N GLY B 185 3.70 11.61 18.37
CA GLY B 185 4.27 10.31 18.67
C GLY B 185 4.28 9.34 17.52
N VAL B 186 4.67 8.11 17.86
CA VAL B 186 4.71 6.98 16.93
C VAL B 186 3.98 5.88 17.72
N MSE C 1 -15.84 30.68 -17.04
CA MSE C 1 -16.93 30.21 -16.16
C MSE C 1 -17.45 31.41 -15.38
O MSE C 1 -16.66 32.26 -14.94
CB MSE C 1 -16.40 29.14 -15.21
CG MSE C 1 -17.48 28.27 -14.63
SE MSE C 1 -17.91 26.70 -15.68
CE MSE C 1 -17.07 27.00 -17.40
N ILE C 2 -18.77 31.52 -15.23
CA ILE C 2 -19.35 32.65 -14.50
C ILE C 2 -19.34 32.24 -13.03
N PRO C 3 -18.70 33.03 -12.17
CA PRO C 3 -18.64 32.69 -10.73
C PRO C 3 -20.04 32.48 -10.18
N ASP C 4 -20.16 31.64 -9.17
CA ASP C 4 -21.46 31.38 -8.56
C ASP C 4 -22.14 32.59 -7.92
N ASP C 5 -21.36 33.55 -7.41
CA ASP C 5 -21.94 34.74 -6.79
C ASP C 5 -22.39 35.82 -7.79
N GLU C 6 -22.47 35.46 -9.06
CA GLU C 6 -22.92 36.38 -10.08
C GLU C 6 -24.21 35.83 -10.68
N PHE C 7 -24.85 34.97 -9.90
CA PHE C 7 -26.11 34.36 -10.26
C PHE C 7 -27.18 34.91 -9.32
N ILE C 8 -28.22 35.49 -9.92
CA ILE C 8 -29.38 36.05 -9.21
C ILE C 8 -30.14 34.83 -8.71
N LYS C 9 -30.37 34.79 -7.40
CA LYS C 9 -31.08 33.67 -6.79
C LYS C 9 -32.56 33.98 -6.62
N ASN C 10 -33.27 32.97 -6.10
CA ASN C 10 -34.69 32.99 -5.79
C ASN C 10 -34.82 31.91 -4.71
N PRO C 11 -35.41 32.25 -3.55
CA PRO C 11 -35.56 31.28 -2.45
C PRO C 11 -36.17 29.89 -2.76
N SER C 12 -37.06 29.81 -3.74
CA SER C 12 -37.70 28.54 -4.07
C SER C 12 -36.90 27.70 -5.03
N VAL C 13 -35.85 28.30 -5.56
CA VAL C 13 -35.06 27.61 -6.55
C VAL C 13 -33.63 27.24 -6.11
N PRO C 14 -33.32 25.95 -6.17
CA PRO C 14 -31.96 25.57 -5.77
C PRO C 14 -30.99 25.98 -6.91
N GLY C 15 -29.70 26.06 -6.58
CA GLY C 15 -28.71 26.45 -7.55
C GLY C 15 -28.05 27.76 -7.20
N PRO C 16 -27.04 28.20 -7.96
CA PRO C 16 -26.52 27.45 -9.11
C PRO C 16 -25.68 26.28 -8.64
N THR C 17 -25.47 25.31 -9.53
CA THR C 17 -24.64 24.15 -9.21
C THR C 17 -23.22 24.65 -9.02
N ALA C 18 -22.55 24.12 -8.00
CA ALA C 18 -21.18 24.47 -7.66
C ALA C 18 -20.33 24.68 -8.90
N MSE C 19 -19.66 25.83 -9.01
CA MSE C 19 -18.81 26.16 -10.16
C MSE C 19 -17.87 25.01 -10.57
O MSE C 19 -17.80 24.67 -11.75
CB MSE C 19 -18.01 27.45 -9.89
CG MSE C 19 -17.12 27.95 -11.07
SE MSE C 19 -15.30 27.16 -11.23
CE MSE C 19 -15.46 26.30 -12.87
N GLU C 20 -17.21 24.40 -9.58
CA GLU C 20 -16.26 23.31 -9.86
C GLU C 20 -16.97 22.13 -10.50
N VAL C 21 -18.24 21.93 -10.13
CA VAL C 21 -19.03 20.85 -10.70
C VAL C 21 -19.46 21.24 -12.11
N ARG C 22 -19.89 22.49 -12.27
CA ARG C 22 -20.33 22.96 -13.58
C ARG C 22 -19.15 22.89 -14.57
N CYS C 23 -17.96 23.14 -14.04
CA CYS C 23 -16.73 23.10 -14.83
C CYS C 23 -16.54 21.69 -15.36
N LEU C 24 -16.65 20.69 -14.47
CA LEU C 24 -16.48 19.33 -14.88
C LEU C 24 -17.61 18.90 -15.82
N ILE C 25 -18.83 19.38 -15.59
CA ILE C 25 -19.96 19.03 -16.45
C ILE C 25 -19.61 19.45 -17.89
N MSE C 26 -19.02 20.62 -18.03
CA MSE C 26 -18.64 21.11 -19.34
C MSE C 26 -17.50 20.27 -19.95
O MSE C 26 -17.49 20.01 -21.16
CB MSE C 26 -18.25 22.60 -19.29
CG MSE C 26 -19.38 23.55 -18.89
SE MSE C 26 -21.00 23.34 -19.99
CE MSE C 26 -20.56 24.55 -21.38
N CYS C 27 -16.55 19.84 -19.12
CA CYS C 27 -15.44 19.02 -19.61
C CYS C 27 -15.94 17.69 -20.13
N LEU C 28 -16.92 17.14 -19.44
CA LEU C 28 -17.51 15.87 -19.82
C LEU C 28 -18.44 16.04 -21.01
N ALA C 29 -19.15 17.17 -21.06
CA ALA C 29 -20.09 17.44 -22.15
C ALA C 29 -19.40 17.75 -23.47
N GLU C 30 -18.24 18.40 -23.40
CA GLU C 30 -17.48 18.79 -24.60
C GLU C 30 -18.39 19.56 -25.57
N PRO C 31 -18.90 20.72 -25.13
CA PRO C 31 -19.80 21.56 -25.95
C PRO C 31 -19.19 22.00 -27.28
N GLY C 32 -19.94 21.83 -28.35
CA GLY C 32 -19.50 22.22 -29.67
C GLY C 32 -20.47 23.26 -30.22
N LYS C 33 -19.98 24.20 -31.02
CA LYS C 33 -20.83 25.25 -31.58
C LYS C 33 -22.00 24.81 -32.43
N ASN C 34 -21.99 23.55 -32.86
CA ASN C 34 -23.10 23.02 -33.68
C ASN C 34 -23.93 22.02 -32.89
N ASP C 35 -23.73 21.98 -31.58
CA ASP C 35 -24.47 21.06 -30.73
C ASP C 35 -25.79 21.65 -30.27
N VAL C 36 -26.76 20.74 -30.08
CA VAL C 36 -28.09 21.05 -29.60
C VAL C 36 -28.12 20.38 -28.21
N ALA C 37 -28.34 21.17 -27.17
CA ALA C 37 -28.33 20.62 -25.81
C ALA C 37 -29.63 20.84 -25.07
N VAL C 38 -29.91 19.98 -24.12
CA VAL C 38 -31.09 20.11 -23.29
C VAL C 38 -30.64 20.05 -21.82
N ASP C 39 -31.13 20.99 -21.03
CA ASP C 39 -30.83 21.04 -19.62
C ASP C 39 -32.12 20.76 -18.87
N VAL C 40 -32.27 19.51 -18.43
CA VAL C 40 -33.45 19.06 -17.70
C VAL C 40 -33.37 19.52 -16.23
N GLY C 41 -34.26 20.43 -15.84
CA GLY C 41 -34.24 20.95 -14.49
C GLY C 41 -33.18 22.04 -14.45
N CYS C 42 -33.41 23.14 -15.17
CA CYS C 42 -32.44 24.22 -15.23
C CYS C 42 -32.24 25.01 -13.93
N GLY C 43 -33.20 24.94 -13.00
CA GLY C 43 -33.09 25.64 -11.74
C GLY C 43 -32.73 27.11 -11.86
N THR C 44 -31.64 27.50 -11.20
CA THR C 44 -31.16 28.89 -11.23
C THR C 44 -30.50 29.26 -12.58
N GLY C 45 -30.07 28.25 -13.34
CA GLY C 45 -29.47 28.50 -14.64
C GLY C 45 -27.98 28.26 -14.75
N GLY C 46 -27.38 27.73 -13.70
CA GLY C 46 -25.95 27.47 -13.72
C GLY C 46 -25.44 26.69 -14.91
N VAL C 47 -26.11 25.61 -15.28
CA VAL C 47 -25.70 24.78 -16.41
C VAL C 47 -26.16 25.40 -17.73
N THR C 48 -27.36 25.97 -17.73
CA THR C 48 -27.92 26.58 -18.93
C THR C 48 -27.06 27.73 -19.46
N LEU C 49 -26.60 28.60 -18.57
CA LEU C 49 -25.79 29.74 -18.98
C LEU C 49 -24.48 29.31 -19.63
N GLU C 50 -23.83 28.31 -19.06
CA GLU C 50 -22.56 27.81 -19.60
C GLU C 50 -22.77 27.16 -20.98
N LEU C 51 -23.84 26.40 -21.12
CA LEU C 51 -24.15 25.76 -22.38
C LEU C 51 -24.54 26.82 -23.41
N ALA C 52 -25.27 27.83 -22.97
CA ALA C 52 -25.72 28.91 -23.84
C ALA C 52 -24.58 29.54 -24.65
N GLY C 53 -23.48 29.83 -23.97
CA GLY C 53 -22.36 30.43 -24.66
C GLY C 53 -21.46 29.47 -25.43
N ARG C 54 -21.81 28.19 -25.54
CA ARG C 54 -20.95 27.24 -26.22
C ARG C 54 -21.58 26.39 -27.29
N VAL C 55 -22.91 26.26 -27.27
CA VAL C 55 -23.58 25.43 -28.26
C VAL C 55 -24.50 26.26 -29.16
N ARG C 56 -25.13 25.61 -30.14
CA ARG C 56 -26.02 26.28 -31.08
C ARG C 56 -27.38 26.61 -30.47
N ARG C 57 -28.02 25.61 -29.87
CA ARG C 57 -29.33 25.80 -29.27
C ARG C 57 -29.42 25.00 -27.96
N VAL C 58 -29.97 25.63 -26.92
CA VAL C 58 -30.14 24.99 -25.62
C VAL C 58 -31.62 25.00 -25.28
N TYR C 59 -32.14 23.88 -24.79
CA TYR C 59 -33.53 23.77 -24.36
C TYR C 59 -33.50 23.60 -22.84
N ALA C 60 -33.94 24.62 -22.13
CA ALA C 60 -33.94 24.60 -20.67
C ALA C 60 -35.33 24.32 -20.13
N ILE C 61 -35.47 23.21 -19.43
CA ILE C 61 -36.75 22.79 -18.89
C ILE C 61 -36.82 22.87 -17.37
N ASP C 62 -38.01 23.18 -16.83
CA ASP C 62 -38.22 23.20 -15.39
C ASP C 62 -39.69 23.26 -15.01
N ARG C 63 -40.06 22.51 -13.96
CA ARG C 63 -41.43 22.45 -13.42
C ARG C 63 -41.77 23.78 -12.77
N ASN C 64 -40.80 24.33 -12.06
CA ASN C 64 -40.98 25.58 -11.34
C ASN C 64 -40.95 26.83 -12.20
N PRO C 65 -42.07 27.55 -12.27
CA PRO C 65 -42.08 28.76 -13.08
C PRO C 65 -41.07 29.77 -12.56
N GLU C 66 -40.73 29.71 -11.27
CA GLU C 66 -39.74 30.63 -10.72
C GLU C 66 -38.30 30.26 -11.12
N ALA C 67 -38.09 29.00 -11.51
CA ALA C 67 -36.77 28.54 -11.98
C ALA C 67 -36.62 29.13 -13.37
N ILE C 68 -37.71 29.12 -14.13
CA ILE C 68 -37.73 29.70 -15.47
C ILE C 68 -37.43 31.22 -15.38
N SER C 69 -38.14 31.95 -14.51
CA SER C 69 -37.87 33.39 -14.40
C SER C 69 -36.45 33.72 -13.94
N THR C 70 -35.94 32.96 -12.97
CA THR C 70 -34.59 33.18 -12.45
C THR C 70 -33.50 32.84 -13.47
N THR C 71 -33.73 31.81 -14.27
CA THR C 71 -32.78 31.44 -15.32
C THR C 71 -32.79 32.59 -16.37
N GLU C 72 -33.97 33.12 -16.67
CA GLU C 72 -34.10 34.23 -17.61
C GLU C 72 -33.33 35.46 -17.13
N MSE C 73 -33.52 35.83 -15.86
CA MSE C 73 -32.84 36.98 -15.28
C MSE C 73 -31.34 36.87 -15.40
O MSE C 73 -30.67 37.87 -15.64
CB MSE C 73 -33.16 37.14 -13.81
CG MSE C 73 -34.52 37.64 -13.56
SE MSE C 73 -34.73 38.24 -11.74
CE MSE C 73 -35.35 36.57 -10.94
N ASN C 74 -30.82 35.67 -15.14
CA ASN C 74 -29.39 35.37 -15.22
C ASN C 74 -28.90 35.38 -16.66
N LEU C 75 -29.72 34.86 -17.58
CA LEU C 75 -29.40 34.86 -19.00
C LEU C 75 -29.30 36.31 -19.49
N GLN C 76 -30.32 37.10 -19.17
CA GLN C 76 -30.35 38.50 -19.56
C GLN C 76 -29.20 39.28 -18.92
N ARG C 77 -28.96 39.01 -17.64
CA ARG C 77 -27.91 39.68 -16.90
C ARG C 77 -26.50 39.46 -17.49
N HIS C 78 -26.31 38.33 -18.16
CA HIS C 78 -25.00 38.03 -18.73
C HIS C 78 -24.94 38.09 -20.25
N GLY C 79 -25.95 38.72 -20.85
CA GLY C 79 -26.00 38.86 -22.29
C GLY C 79 -26.08 37.57 -23.09
N LEU C 80 -26.85 36.62 -22.59
CA LEU C 80 -27.02 35.34 -23.25
C LEU C 80 -28.52 35.11 -23.32
N GLY C 81 -28.95 34.10 -24.04
CA GLY C 81 -30.37 33.81 -24.07
C GLY C 81 -31.05 33.84 -25.40
N ASP C 82 -30.35 34.28 -26.44
CA ASP C 82 -31.00 34.31 -27.75
C ASP C 82 -31.01 32.95 -28.43
N ASN C 83 -30.28 32.00 -27.85
CA ASN C 83 -30.23 30.63 -28.39
C ASN C 83 -30.73 29.64 -27.33
N VAL C 84 -31.52 30.16 -26.40
CA VAL C 84 -32.08 29.34 -25.32
C VAL C 84 -33.60 29.36 -25.39
N THR C 85 -34.19 28.18 -25.47
CA THR C 85 -35.63 28.02 -25.51
C THR C 85 -36.04 27.52 -24.12
N LEU C 86 -36.66 28.40 -23.35
CA LEU C 86 -37.13 28.06 -22.00
C LEU C 86 -38.45 27.34 -22.09
N MSE C 87 -38.60 26.27 -21.32
CA MSE C 87 -39.82 25.48 -21.35
C MSE C 87 -40.29 25.13 -19.96
O MSE C 87 -39.64 24.35 -19.26
CB MSE C 87 -39.59 24.19 -22.12
CG MSE C 87 -39.03 24.35 -23.50
SE MSE C 87 -38.88 22.60 -24.28
CE MSE C 87 -37.11 22.24 -23.88
N GLU C 88 -41.41 25.72 -19.55
CA GLU C 88 -41.96 25.43 -18.24
C GLU C 88 -42.82 24.17 -18.36
N GLY C 89 -42.67 23.25 -17.42
CA GLY C 89 -43.43 22.03 -17.46
C GLY C 89 -42.62 20.84 -17.00
N ASP C 90 -43.31 19.72 -16.86
CA ASP C 90 -42.70 18.49 -16.44
C ASP C 90 -41.83 17.98 -17.61
N ALA C 91 -40.61 17.54 -17.28
CA ALA C 91 -39.61 17.08 -18.26
C ALA C 91 -40.06 16.11 -19.37
N PRO C 92 -40.70 14.99 -19.04
CA PRO C 92 -41.10 14.07 -20.11
C PRO C 92 -41.95 14.67 -21.28
N GLU C 93 -42.93 15.52 -20.98
CA GLU C 93 -43.71 16.11 -22.06
C GLU C 93 -42.92 17.19 -22.77
N ALA C 94 -42.10 17.91 -22.01
CA ALA C 94 -41.26 18.98 -22.57
C ALA C 94 -40.16 18.39 -23.48
N LEU C 95 -39.66 17.21 -23.11
CA LEU C 95 -38.62 16.52 -23.88
C LEU C 95 -39.14 15.97 -25.21
N CYS C 96 -40.42 15.60 -25.26
CA CYS C 96 -41.01 15.07 -26.48
C CYS C 96 -41.22 16.12 -27.56
N LYS C 97 -41.20 17.39 -27.18
CA LYS C 97 -41.43 18.47 -28.13
C LYS C 97 -40.18 19.02 -28.81
N ILE C 98 -39.01 18.68 -28.27
CA ILE C 98 -37.76 19.19 -28.81
C ILE C 98 -37.13 18.27 -29.85
N PRO C 99 -36.23 18.80 -30.69
CA PRO C 99 -35.58 17.97 -31.70
C PRO C 99 -34.53 17.07 -31.05
N ASP C 100 -33.77 16.33 -31.86
CA ASP C 100 -32.76 15.46 -31.32
C ASP C 100 -31.65 16.27 -30.68
N ILE C 101 -31.01 15.70 -29.67
CA ILE C 101 -29.95 16.38 -28.93
C ILE C 101 -28.57 15.70 -29.00
N ASP C 102 -27.54 16.53 -28.88
CA ASP C 102 -26.17 16.07 -28.87
C ASP C 102 -25.70 15.95 -27.41
N ILE C 103 -26.24 16.81 -26.56
CA ILE C 103 -25.90 16.85 -25.15
C ILE C 103 -27.17 16.93 -24.29
N ALA C 104 -27.20 16.12 -23.23
CA ALA C 104 -28.31 16.10 -22.31
C ALA C 104 -27.77 16.14 -20.88
N VAL C 105 -28.09 17.20 -20.13
CA VAL C 105 -27.66 17.29 -18.74
C VAL C 105 -28.93 17.23 -17.90
N VAL C 106 -29.00 16.29 -16.97
CA VAL C 106 -30.17 16.16 -16.12
C VAL C 106 -29.83 16.74 -14.76
N GLY C 107 -30.26 17.98 -14.52
CA GLY C 107 -30.00 18.67 -13.27
C GLY C 107 -31.01 18.39 -12.16
N GLY C 108 -32.12 17.76 -12.52
CA GLY C 108 -33.18 17.41 -11.56
C GLY C 108 -34.14 16.45 -12.22
N SER C 109 -34.59 15.41 -11.50
CA SER C 109 -35.53 14.43 -12.10
C SER C 109 -36.91 14.38 -11.45
N GLY C 110 -36.98 14.79 -10.19
CA GLY C 110 -38.24 14.82 -9.48
C GLY C 110 -39.03 13.54 -9.43
N GLY C 111 -38.34 12.40 -9.40
CA GLY C 111 -39.02 11.12 -9.34
C GLY C 111 -39.22 10.45 -10.68
N GLU C 112 -38.96 11.16 -11.77
CA GLU C 112 -39.15 10.61 -13.09
C GLU C 112 -37.83 10.36 -13.83
N LEU C 113 -36.76 10.12 -13.09
CA LEU C 113 -35.44 9.91 -13.70
C LEU C 113 -35.43 8.87 -14.80
N GLN C 114 -35.93 7.69 -14.47
CA GLN C 114 -35.98 6.57 -15.41
C GLN C 114 -36.71 6.93 -16.72
N GLU C 115 -37.85 7.58 -16.59
CA GLU C 115 -38.66 7.99 -17.73
C GLU C 115 -37.88 9.02 -18.55
N ILE C 116 -37.28 9.98 -17.83
CA ILE C 116 -36.49 11.06 -18.43
C ILE C 116 -35.30 10.49 -19.22
N LEU C 117 -34.63 9.50 -18.65
CA LEU C 117 -33.47 8.87 -19.28
C LEU C 117 -33.84 8.12 -20.58
N ARG C 118 -34.97 7.41 -20.53
CA ARG C 118 -35.46 6.66 -21.69
C ARG C 118 -35.78 7.55 -22.86
N ILE C 119 -36.49 8.65 -22.60
CA ILE C 119 -36.85 9.61 -23.65
C ILE C 119 -35.54 10.17 -24.22
N ILE C 120 -34.62 10.56 -23.33
CA ILE C 120 -33.34 11.09 -23.76
C ILE C 120 -32.59 10.13 -24.70
N LYS C 121 -32.60 8.84 -24.41
CA LYS C 121 -31.93 7.89 -25.30
C LYS C 121 -32.57 7.89 -26.72
N ASP C 122 -33.88 8.06 -26.75
CA ASP C 122 -34.63 8.09 -28.01
C ASP C 122 -34.33 9.30 -28.87
N LYS C 123 -33.93 10.42 -28.24
CA LYS C 123 -33.63 11.66 -28.99
C LYS C 123 -32.15 11.99 -29.08
N LEU C 124 -31.32 11.07 -28.63
CA LEU C 124 -29.88 11.28 -28.64
C LEU C 124 -29.25 11.03 -30.01
N LYS C 125 -28.64 12.06 -30.59
CA LYS C 125 -27.98 11.94 -31.88
C LYS C 125 -26.74 11.03 -31.66
N PRO C 126 -26.21 10.41 -32.73
CA PRO C 126 -25.04 9.55 -32.44
C PRO C 126 -23.90 10.40 -31.83
N GLY C 127 -23.08 9.80 -30.98
CA GLY C 127 -21.97 10.53 -30.36
C GLY C 127 -22.41 11.50 -29.28
N GLY C 128 -23.69 11.42 -28.93
CA GLY C 128 -24.24 12.30 -27.90
C GLY C 128 -23.79 11.92 -26.51
N ARG C 129 -23.83 12.89 -25.60
CA ARG C 129 -23.41 12.68 -24.22
C ARG C 129 -24.55 12.97 -23.25
N ILE C 130 -24.68 12.13 -22.22
CA ILE C 130 -25.69 12.31 -21.17
C ILE C 130 -24.92 12.43 -19.87
N ILE C 131 -25.28 13.42 -19.06
CA ILE C 131 -24.64 13.67 -17.76
C ILE C 131 -25.76 13.95 -16.74
N VAL C 132 -25.82 13.14 -15.71
CA VAL C 132 -26.80 13.29 -14.66
C VAL C 132 -26.07 13.78 -13.40
N THR C 133 -26.57 14.86 -12.81
CA THR C 133 -26.00 15.44 -11.60
C THR C 133 -26.81 14.87 -10.46
N ALA C 134 -26.16 14.12 -9.58
CA ALA C 134 -26.84 13.49 -8.45
C ALA C 134 -26.39 13.88 -7.04
N ILE C 135 -27.34 14.36 -6.23
CA ILE C 135 -27.02 14.71 -4.85
C ILE C 135 -27.68 13.69 -3.91
N LEU C 136 -28.71 12.99 -4.41
CA LEU C 136 -29.38 11.96 -3.63
C LEU C 136 -28.71 10.63 -3.89
N LEU C 137 -28.50 9.88 -2.82
CA LEU C 137 -27.88 8.55 -2.92
C LEU C 137 -28.65 7.63 -3.90
N GLU C 138 -29.97 7.72 -3.86
CA GLU C 138 -30.84 6.89 -4.70
C GLU C 138 -30.63 7.20 -6.18
N THR C 139 -30.51 8.49 -6.47
CA THR C 139 -30.29 8.95 -7.83
C THR C 139 -28.97 8.44 -8.40
N LYS C 140 -27.93 8.34 -7.57
CA LYS C 140 -26.64 7.85 -8.06
C LYS C 140 -26.79 6.40 -8.49
N PHE C 141 -27.48 5.60 -7.68
CA PHE C 141 -27.70 4.19 -8.00
C PHE C 141 -28.54 4.02 -9.28
N GLU C 142 -29.72 4.63 -9.29
CA GLU C 142 -30.62 4.54 -10.43
C GLU C 142 -30.06 5.06 -11.74
N ALA C 143 -29.36 6.18 -11.70
CA ALA C 143 -28.79 6.75 -12.92
C ALA C 143 -27.83 5.74 -13.53
N MSE C 144 -27.03 5.11 -12.67
CA MSE C 144 -26.08 4.09 -13.11
C MSE C 144 -26.78 2.86 -13.71
O MSE C 144 -26.51 2.49 -14.86
CB MSE C 144 -25.26 3.64 -11.92
CG MSE C 144 -24.33 4.70 -11.40
SE MSE C 144 -22.59 4.29 -12.03
CE MSE C 144 -22.40 2.59 -11.12
N GLU C 145 -27.69 2.27 -12.94
CA GLU C 145 -28.44 1.08 -13.39
C GLU C 145 -29.26 1.37 -14.63
N CYS C 146 -29.94 2.51 -14.64
CA CYS C 146 -30.78 2.89 -15.77
C CYS C 146 -30.02 3.09 -17.08
N LEU C 147 -28.93 3.85 -17.04
CA LEU C 147 -28.14 4.07 -18.23
C LEU C 147 -27.53 2.75 -18.76
N ARG C 148 -27.12 1.85 -17.86
CA ARG C 148 -26.57 0.55 -18.26
C ARG C 148 -27.69 -0.27 -18.95
N ASP C 149 -28.88 -0.32 -18.33
CA ASP C 149 -30.03 -1.04 -18.88
C ASP C 149 -30.44 -0.52 -20.26
N LEU C 150 -30.12 0.73 -20.55
CA LEU C 150 -30.44 1.32 -21.83
C LEU C 150 -29.29 1.10 -22.80
N GLY C 151 -28.29 0.32 -22.36
CA GLY C 151 -27.16 -0.01 -23.22
C GLY C 151 -25.96 0.93 -23.28
N PHE C 152 -25.84 1.85 -22.34
CA PHE C 152 -24.69 2.76 -22.35
C PHE C 152 -23.53 2.25 -21.49
N ASP C 153 -22.33 2.74 -21.81
CA ASP C 153 -21.13 2.44 -21.06
C ASP C 153 -21.19 3.62 -20.08
N VAL C 154 -21.37 3.32 -18.79
CA VAL C 154 -21.52 4.36 -17.77
C VAL C 154 -20.30 4.60 -16.87
N ASN C 155 -20.22 5.78 -16.28
CA ASN C 155 -19.12 6.14 -15.39
C ASN C 155 -19.65 7.06 -14.32
N ILE C 156 -18.95 7.14 -13.20
CA ILE C 156 -19.39 8.02 -12.14
C ILE C 156 -18.16 8.65 -11.49
N THR C 157 -18.27 9.94 -11.21
CA THR C 157 -17.22 10.68 -10.54
C THR C 157 -17.89 11.51 -9.47
N GLU C 158 -17.36 11.46 -8.26
CA GLU C 158 -17.93 12.24 -7.17
C GLU C 158 -16.94 13.27 -6.71
N LEU C 159 -17.44 14.48 -6.52
CA LEU C 159 -16.58 15.54 -6.11
C LEU C 159 -16.90 16.04 -4.73
N ASN C 160 -15.86 16.09 -3.91
CA ASN C 160 -15.93 16.65 -2.58
C ASN C 160 -15.04 17.87 -2.66
N ILE C 161 -15.68 19.03 -2.67
CA ILE C 161 -14.99 20.30 -2.79
C ILE C 161 -14.95 21.10 -1.51
N ALA C 162 -13.81 21.71 -1.24
CA ALA C 162 -13.62 22.54 -0.07
C ALA C 162 -12.97 23.84 -0.57
N ARG C 163 -13.49 24.96 -0.11
CA ARG C 163 -12.96 26.27 -0.49
C ARG C 163 -12.59 27.06 0.74
N GLY C 164 -11.71 28.05 0.60
CA GLY C 164 -11.34 28.82 1.76
C GLY C 164 -12.24 30.01 2.01
N ARG C 165 -12.43 30.34 3.29
CA ARG C 165 -13.23 31.48 3.74
C ARG C 165 -12.46 32.20 4.86
N ALA C 166 -12.23 33.51 4.71
CA ALA C 166 -11.54 34.30 5.75
C ALA C 166 -12.44 34.30 6.98
N LEU C 167 -12.21 33.35 7.85
CA LEU C 167 -13.00 33.20 9.05
C LEU C 167 -12.33 33.74 10.28
N ASP C 168 -13.04 34.66 10.92
CA ASP C 168 -12.71 35.35 12.18
C ASP C 168 -11.29 35.37 12.78
N ARG C 169 -10.24 34.98 12.02
CA ARG C 169 -8.85 34.92 12.49
C ARG C 169 -8.04 33.95 11.60
N GLY C 170 -8.37 33.85 10.32
CA GLY C 170 -7.65 32.94 9.44
C GLY C 170 -8.47 32.41 8.27
N THR C 171 -8.06 31.28 7.69
CA THR C 171 -8.76 30.64 6.55
C THR C 171 -9.39 29.28 6.86
N MSE C 172 -10.71 29.26 6.86
CA MSE C 172 -11.48 28.05 7.14
C MSE C 172 -11.89 27.33 5.86
O MSE C 172 -12.37 27.95 4.90
CB MSE C 172 -12.72 28.42 7.92
CG MSE C 172 -13.42 27.24 8.51
SE MSE C 172 -15.17 27.84 9.02
CE MSE C 172 -15.07 27.36 10.88
N MSE C 173 -11.70 26.02 5.85
CA MSE C 173 -12.09 25.25 4.69
C MSE C 173 -13.56 24.90 4.83
O MSE C 173 -13.96 24.21 5.74
CB MSE C 173 -11.21 24.01 4.58
CG MSE C 173 -9.72 24.37 4.49
SE MSE C 173 -9.29 25.62 3.03
CE MSE C 173 -9.98 24.60 1.54
N VAL C 174 -14.37 25.45 3.93
CA VAL C 174 -15.80 25.21 3.96
C VAL C 174 -16.16 24.23 2.85
N SER C 175 -16.48 23.01 3.27
CA SER C 175 -16.83 22.00 2.30
C SER C 175 -18.20 22.26 1.68
N ARG C 176 -18.38 21.70 0.50
CA ARG C 176 -19.66 21.80 -0.21
C ARG C 176 -20.17 20.36 -0.19
N ASN C 177 -21.49 20.20 -0.20
CA ASN C 177 -22.06 18.86 -0.19
C ASN C 177 -21.55 18.10 -1.39
N PRO C 178 -21.25 16.79 -1.23
CA PRO C 178 -20.76 16.04 -2.37
C PRO C 178 -21.78 15.94 -3.50
N VAL C 179 -21.29 15.96 -4.73
CA VAL C 179 -22.13 15.85 -5.90
C VAL C 179 -21.48 14.84 -6.81
N ALA C 180 -22.29 13.90 -7.31
CA ALA C 180 -21.79 12.88 -8.22
C ALA C 180 -22.26 13.17 -9.65
N LEU C 181 -21.41 12.86 -10.63
CA LEU C 181 -21.78 13.06 -12.03
C LEU C 181 -21.76 11.69 -12.67
N ILE C 182 -22.93 11.23 -13.10
CA ILE C 182 -23.07 9.93 -13.77
C ILE C 182 -23.15 10.27 -15.25
N TYR C 183 -22.18 9.80 -16.02
CA TYR C 183 -22.15 10.14 -17.44
C TYR C 183 -21.92 8.94 -18.38
N THR C 184 -22.41 9.09 -19.59
CA THR C 184 -22.32 8.06 -20.62
C THR C 184 -21.15 8.32 -21.53
N GLY C 185 -20.68 7.26 -22.16
CA GLY C 185 -19.58 7.37 -23.09
C GLY C 185 -19.90 8.32 -24.24
N VAL C 186 -18.85 9.00 -24.69
CA VAL C 186 -18.90 9.97 -25.79
C VAL C 186 -18.96 9.21 -27.13
N MSE D 1 -11.28 17.96 -22.88
CA MSE D 1 -10.05 17.59 -22.14
C MSE D 1 -9.45 16.30 -22.66
O MSE D 1 -10.18 15.36 -23.00
CB MSE D 1 -10.37 17.39 -20.66
CG MSE D 1 -10.97 18.60 -20.05
SE MSE D 1 -9.60 19.95 -19.79
CE MSE D 1 -8.42 18.85 -18.67
N ILE D 2 -8.12 16.26 -22.72
CA ILE D 2 -7.39 15.09 -23.20
C ILE D 2 -7.37 14.11 -22.04
N PRO D 3 -7.94 12.91 -22.24
CA PRO D 3 -7.98 11.89 -21.16
C PRO D 3 -6.63 11.55 -20.57
N ASP D 4 -6.62 11.37 -19.25
CA ASP D 4 -5.41 11.04 -18.49
C ASP D 4 -4.67 9.83 -19.03
N ASP D 5 -5.43 8.87 -19.56
CA ASP D 5 -4.85 7.66 -20.11
C ASP D 5 -4.28 7.84 -21.51
N GLU D 6 -4.40 9.06 -22.04
CA GLU D 6 -3.86 9.34 -23.36
C GLU D 6 -2.52 10.07 -23.23
N PHE D 7 -1.97 10.02 -22.02
CA PHE D 7 -0.69 10.61 -21.65
C PHE D 7 0.31 9.48 -21.36
N ILE D 8 1.45 9.54 -22.03
CA ILE D 8 2.53 8.58 -21.86
C ILE D 8 3.28 8.98 -20.56
N LYS D 9 3.41 8.08 -19.60
CA LYS D 9 4.14 8.40 -18.37
C LYS D 9 5.59 7.92 -18.38
N ASN D 10 6.42 8.60 -17.61
CA ASN D 10 7.83 8.28 -17.45
C ASN D 10 7.97 8.05 -15.94
N PRO D 11 8.73 7.02 -15.52
CA PRO D 11 8.95 6.68 -14.10
C PRO D 11 9.51 7.81 -13.20
N SER D 12 10.37 8.65 -13.74
CA SER D 12 10.93 9.75 -12.96
C SER D 12 10.12 11.06 -13.04
N VAL D 13 9.04 11.07 -13.82
CA VAL D 13 8.23 12.27 -14.00
C VAL D 13 6.79 12.17 -13.47
N PRO D 14 6.42 13.02 -12.49
CA PRO D 14 5.06 12.93 -11.97
C PRO D 14 4.04 13.42 -12.99
N GLY D 15 2.79 12.99 -12.82
CA GLY D 15 1.75 13.42 -13.74
C GLY D 15 1.16 12.32 -14.61
N PRO D 16 0.13 12.64 -15.45
CA PRO D 16 -0.43 13.99 -15.59
C PRO D 16 -1.33 14.33 -14.41
N THR D 17 -1.55 15.61 -14.21
CA THR D 17 -2.41 16.07 -13.14
C THR D 17 -3.82 15.56 -13.44
N ALA D 18 -4.50 15.08 -12.41
CA ALA D 18 -5.87 14.57 -12.49
C ALA D 18 -6.73 15.40 -13.46
N MSE D 19 -7.36 14.74 -14.43
CA MSE D 19 -8.19 15.43 -15.42
C MSE D 19 -9.18 16.41 -14.79
O MSE D 19 -9.30 17.52 -15.26
CB MSE D 19 -8.93 14.40 -16.30
CG MSE D 19 -9.78 14.98 -17.45
SE MSE D 19 -11.62 15.51 -16.99
CE MSE D 19 -11.60 17.34 -17.32
N GLU D 20 -9.83 16.01 -13.71
CA GLU D 20 -10.82 16.88 -13.08
C GLU D 20 -10.15 18.13 -12.52
N VAL D 21 -8.89 18.00 -12.11
CA VAL D 21 -8.14 19.14 -11.61
C VAL D 21 -7.69 20.01 -12.79
N ARG D 22 -7.23 19.38 -13.85
CA ARG D 22 -6.80 20.11 -15.04
C ARG D 22 -7.99 20.88 -15.62
N CYS D 23 -9.18 20.28 -15.51
CA CYS D 23 -10.40 20.89 -15.99
C CYS D 23 -10.65 22.19 -15.23
N LEU D 24 -10.54 22.12 -13.92
CA LEU D 24 -10.76 23.30 -13.09
C LEU D 24 -9.66 24.33 -13.32
N ILE D 25 -8.42 23.89 -13.49
CA ILE D 25 -7.33 24.83 -13.75
C ILE D 25 -7.69 25.67 -14.98
N MSE D 26 -8.23 25.02 -16.01
CA MSE D 26 -8.62 25.71 -17.23
C MSE D 26 -9.79 26.67 -17.00
O MSE D 26 -9.83 27.76 -17.58
CB MSE D 26 -8.97 24.72 -18.35
CG MSE D 26 -7.79 23.87 -18.84
SE MSE D 26 -6.20 24.92 -19.35
CE MSE D 26 -6.61 25.23 -21.16
N CYS D 27 -10.75 26.29 -16.15
CA CYS D 27 -11.88 27.15 -15.86
C CYS D 27 -11.42 28.42 -15.14
N LEU D 28 -10.45 28.23 -14.24
CA LEU D 28 -9.89 29.33 -13.46
C LEU D 28 -8.96 30.18 -14.32
N ALA D 29 -8.22 29.53 -15.23
CA ALA D 29 -7.29 30.22 -16.10
C ALA D 29 -7.97 31.03 -17.19
N GLU D 30 -9.12 30.56 -17.67
CA GLU D 30 -9.89 31.24 -18.72
C GLU D 30 -8.96 31.53 -19.91
N PRO D 31 -8.42 30.49 -20.55
CA PRO D 31 -7.50 30.61 -21.69
C PRO D 31 -8.11 31.35 -22.88
N GLY D 32 -7.36 32.32 -23.39
CA GLY D 32 -7.81 33.08 -24.55
C GLY D 32 -6.80 32.88 -25.66
N LYS D 33 -7.27 32.94 -26.90
CA LYS D 33 -6.40 32.76 -28.06
C LYS D 33 -5.25 33.74 -28.22
N ASN D 34 -5.28 34.86 -27.51
CA ASN D 34 -4.22 35.86 -27.59
C ASN D 34 -3.42 35.89 -26.29
N ASP D 35 -3.60 34.88 -25.45
CA ASP D 35 -2.89 34.81 -24.18
C ASP D 35 -1.54 34.14 -24.31
N VAL D 36 -0.62 34.57 -23.46
CA VAL D 36 0.73 34.04 -23.39
C VAL D 36 0.74 33.37 -22.01
N ALA D 37 1.00 32.07 -21.97
CA ALA D 37 0.99 31.36 -20.71
C ALA D 37 2.31 30.70 -20.38
N VAL D 38 2.55 30.49 -19.10
CA VAL D 38 3.76 29.80 -18.66
C VAL D 38 3.33 28.67 -17.71
N ASP D 39 3.85 27.48 -17.94
CA ASP D 39 3.55 26.34 -17.11
C ASP D 39 4.85 25.99 -16.39
N VAL D 40 4.95 26.43 -15.13
CA VAL D 40 6.13 26.18 -14.32
C VAL D 40 6.09 24.75 -13.77
N GLY D 41 7.02 23.89 -14.22
CA GLY D 41 7.04 22.50 -13.79
C GLY D 41 6.04 21.75 -14.62
N CYS D 42 6.29 21.63 -15.92
CA CYS D 42 5.36 20.95 -16.81
C CYS D 42 5.18 19.45 -16.63
N GLY D 43 6.14 18.80 -15.99
CA GLY D 43 6.07 17.36 -15.71
C GLY D 43 5.76 16.53 -16.93
N THR D 44 4.68 15.76 -16.85
CA THR D 44 4.22 14.90 -17.95
C THR D 44 3.58 15.71 -19.10
N GLY D 45 3.12 16.93 -18.81
CA GLY D 45 2.53 17.75 -19.85
C GLY D 45 1.02 17.93 -19.75
N GLY D 46 0.43 17.44 -18.66
CA GLY D 46 -1.01 17.56 -18.49
C GLY D 46 -1.58 18.96 -18.66
N VAL D 47 -0.94 19.95 -18.04
CA VAL D 47 -1.41 21.33 -18.12
C VAL D 47 -0.94 21.99 -19.43
N THR D 48 0.30 21.71 -19.82
CA THR D 48 0.87 22.26 -21.06
C THR D 48 0.05 21.91 -22.32
N LEU D 49 -0.37 20.66 -22.45
CA LEU D 49 -1.16 20.24 -23.61
C LEU D 49 -2.49 20.99 -23.70
N GLU D 50 -3.18 21.15 -22.58
CA GLU D 50 -4.46 21.85 -22.55
C GLU D 50 -4.28 23.32 -22.91
N LEU D 51 -3.24 23.96 -22.37
CA LEU D 51 -2.96 25.37 -22.65
C LEU D 51 -2.54 25.52 -24.11
N ALA D 52 -1.77 24.55 -24.61
CA ALA D 52 -1.28 24.57 -26.00
C ALA D 52 -2.40 24.79 -27.02
N GLY D 53 -3.50 24.06 -26.85
CA GLY D 53 -4.62 24.19 -27.77
C GLY D 53 -5.57 25.34 -27.52
N ARG D 54 -5.26 26.23 -26.57
CA ARG D 54 -6.16 27.33 -26.29
C ARG D 54 -5.56 28.72 -26.28
N VAL D 55 -4.25 28.82 -26.11
CA VAL D 55 -3.60 30.13 -26.08
C VAL D 55 -2.66 30.35 -27.28
N ARG D 56 -2.07 31.53 -27.34
CA ARG D 56 -1.16 31.88 -28.43
C ARG D 56 0.21 31.25 -28.27
N ARG D 57 0.82 31.40 -27.09
CA ARG D 57 2.13 30.85 -26.84
C ARG D 57 2.22 30.35 -25.41
N VAL D 58 2.79 29.15 -25.25
CA VAL D 58 2.95 28.54 -23.95
C VAL D 58 4.44 28.30 -23.71
N TYR D 59 4.92 28.65 -22.53
CA TYR D 59 6.30 28.42 -22.14
C TYR D 59 6.28 27.33 -21.08
N ALA D 60 6.75 26.14 -21.41
CA ALA D 60 6.77 25.01 -20.46
C ALA D 60 8.18 24.81 -19.87
N ILE D 61 8.28 24.95 -18.56
CA ILE D 61 9.55 24.85 -17.87
C ILE D 61 9.64 23.62 -16.98
N ASP D 62 10.84 23.05 -16.86
CA ASP D 62 11.07 21.92 -15.99
C ASP D 62 12.57 21.63 -15.74
N ARG D 63 12.91 21.33 -14.48
CA ARG D 63 14.26 21.01 -14.03
C ARG D 63 14.75 19.71 -14.70
N ASN D 64 13.86 18.71 -14.65
CA ASN D 64 14.07 17.37 -15.16
C ASN D 64 14.03 17.24 -16.68
N PRO D 65 15.18 16.88 -17.31
CA PRO D 65 15.23 16.74 -18.77
C PRO D 65 14.27 15.65 -19.27
N GLU D 66 13.96 14.69 -18.39
CA GLU D 66 13.04 13.59 -18.69
C GLU D 66 11.61 14.09 -18.73
N ALA D 67 11.35 15.20 -18.02
CA ALA D 67 10.02 15.82 -17.99
C ALA D 67 9.87 16.60 -19.29
N ILE D 68 10.93 17.30 -19.69
CA ILE D 68 10.91 18.05 -20.94
C ILE D 68 10.66 17.11 -22.11
N SER D 69 11.32 15.95 -22.08
CA SER D 69 11.19 14.92 -23.10
C SER D 69 9.78 14.31 -23.20
N THR D 70 9.16 14.03 -22.05
CA THR D 70 7.81 13.46 -21.97
C THR D 70 6.73 14.43 -22.38
N THR D 71 6.90 15.69 -21.99
CA THR D 71 5.94 16.73 -22.35
C THR D 71 6.00 16.88 -23.88
N GLU D 72 7.22 16.81 -24.42
CA GLU D 72 7.42 16.94 -25.87
C GLU D 72 6.83 15.73 -26.59
N MSE D 73 6.99 14.55 -26.02
CA MSE D 73 6.43 13.36 -26.64
C MSE D 73 4.90 13.40 -26.69
O MSE D 73 4.30 13.13 -27.73
CB MSE D 73 6.87 12.12 -25.88
CG MSE D 73 6.21 10.82 -26.32
SE MSE D 73 6.70 9.39 -25.07
CE MSE D 73 8.40 10.20 -24.56
N ASN D 74 4.28 13.74 -25.56
CA ASN D 74 2.82 13.82 -25.47
C ASN D 74 2.19 14.88 -26.39
N LEU D 75 2.89 16.01 -26.59
CA LEU D 75 2.41 17.06 -27.49
C LEU D 75 2.35 16.51 -28.89
N GLN D 76 3.48 15.96 -29.36
CA GLN D 76 3.59 15.37 -30.70
C GLN D 76 2.49 14.34 -30.92
N ARG D 77 2.36 13.42 -29.97
CA ARG D 77 1.36 12.37 -30.08
C ARG D 77 -0.02 12.99 -30.26
N HIS D 78 -0.22 14.16 -29.68
CA HIS D 78 -1.51 14.82 -29.80
C HIS D 78 -1.50 15.95 -30.81
N GLY D 79 -0.49 15.93 -31.68
CA GLY D 79 -0.37 16.92 -32.73
C GLY D 79 -0.28 18.36 -32.28
N LEU D 80 0.35 18.58 -31.13
CA LEU D 80 0.49 19.92 -30.55
C LEU D 80 1.97 20.26 -30.35
N GLY D 81 2.26 21.48 -29.92
CA GLY D 81 3.64 21.86 -29.69
C GLY D 81 4.27 22.95 -30.55
N ASP D 82 3.56 23.46 -31.54
CA ASP D 82 4.15 24.49 -32.40
C ASP D 82 4.18 25.89 -31.79
N ASN D 83 3.34 26.09 -30.78
CA ASN D 83 3.26 27.35 -30.03
C ASN D 83 3.82 27.11 -28.61
N VAL D 84 4.50 25.99 -28.42
CA VAL D 84 5.05 25.66 -27.12
C VAL D 84 6.57 25.74 -27.13
N THR D 85 7.11 26.55 -26.24
CA THR D 85 8.54 26.74 -26.11
C THR D 85 8.97 25.99 -24.85
N LEU D 86 9.61 24.83 -25.05
CA LEU D 86 10.09 24.01 -23.93
C LEU D 86 11.39 24.57 -23.41
N MSE D 87 11.51 24.64 -22.09
CA MSE D 87 12.70 25.19 -21.48
C MSE D 87 13.19 24.34 -20.33
O MSE D 87 12.55 24.31 -19.27
CB MSE D 87 12.43 26.59 -20.95
CG MSE D 87 11.90 27.56 -21.99
SE MSE D 87 11.61 29.36 -21.23
CE MSE D 87 9.86 29.10 -20.56
N GLU D 88 14.32 23.66 -20.51
CA GLU D 88 14.86 22.84 -19.43
C GLU D 88 15.65 23.76 -18.53
N GLY D 89 15.50 23.59 -17.23
CA GLY D 89 16.22 24.42 -16.28
C GLY D 89 15.38 24.78 -15.09
N ASP D 90 16.03 25.39 -14.10
CA ASP D 90 15.37 25.81 -12.89
C ASP D 90 14.46 26.98 -13.23
N ALA D 91 13.24 26.96 -12.71
CA ALA D 91 12.23 27.99 -12.98
C ALA D 91 12.62 29.47 -12.91
N PRO D 92 13.31 29.90 -11.82
CA PRO D 92 13.68 31.32 -11.76
C PRO D 92 14.52 31.82 -12.94
N GLU D 93 15.59 31.11 -13.32
CA GLU D 93 16.39 31.56 -14.46
C GLU D 93 15.60 31.59 -15.77
N ALA D 94 14.75 30.57 -15.98
CA ALA D 94 13.95 30.47 -17.19
C ALA D 94 12.86 31.53 -17.23
N LEU D 95 12.21 31.76 -16.09
CA LEU D 95 11.14 32.74 -16.02
C LEU D 95 11.63 34.12 -16.45
N CYS D 96 12.90 34.43 -16.16
CA CYS D 96 13.47 35.74 -16.49
C CYS D 96 13.69 35.94 -17.98
N LYS D 97 13.75 34.85 -18.74
CA LYS D 97 13.99 34.93 -20.18
C LYS D 97 12.75 35.06 -21.06
N ILE D 98 11.58 34.83 -20.48
CA ILE D 98 10.34 34.88 -21.24
C ILE D 98 9.67 36.25 -21.17
N PRO D 99 8.79 36.55 -22.14
CA PRO D 99 8.10 37.85 -22.13
C PRO D 99 7.04 37.87 -21.04
N ASP D 100 6.24 38.92 -20.99
CA ASP D 100 5.19 39.02 -19.99
C ASP D 100 4.10 37.99 -20.26
N ILE D 101 3.45 37.55 -19.19
CA ILE D 101 2.42 36.52 -19.28
C ILE D 101 1.03 36.94 -18.82
N ASP D 102 0.03 36.28 -19.39
CA ASP D 102 -1.36 36.51 -19.07
C ASP D 102 -1.80 35.43 -18.09
N ILE D 103 -1.20 34.25 -18.22
CA ILE D 103 -1.55 33.12 -17.37
C ILE D 103 -0.28 32.46 -16.87
N ALA D 104 -0.27 32.12 -15.58
CA ALA D 104 0.86 31.43 -14.96
C ALA D 104 0.34 30.29 -14.10
N VAL D 105 0.69 29.07 -14.46
CA VAL D 105 0.31 27.88 -13.70
C VAL D 105 1.58 27.29 -13.09
N VAL D 106 1.61 27.18 -11.77
CA VAL D 106 2.78 26.63 -11.12
C VAL D 106 2.47 25.20 -10.73
N GLY D 107 2.97 24.26 -11.52
CA GLY D 107 2.73 22.86 -11.29
C GLY D 107 3.72 22.19 -10.36
N GLY D 108 4.80 22.90 -10.06
CA GLY D 108 5.85 22.39 -9.17
C GLY D 108 6.78 23.54 -8.81
N SER D 109 7.21 23.63 -7.56
CA SER D 109 8.09 24.73 -7.16
C SER D 109 9.49 24.29 -6.67
N GLY D 110 9.59 23.04 -6.20
CA GLY D 110 10.85 22.50 -5.73
C GLY D 110 11.62 23.30 -4.69
N GLY D 111 10.89 23.94 -3.78
CA GLY D 111 11.53 24.71 -2.74
C GLY D 111 11.69 26.19 -3.06
N GLU D 112 11.44 26.57 -4.32
CA GLU D 112 11.58 27.97 -4.73
C GLU D 112 10.24 28.65 -5.03
N LEU D 113 9.17 28.20 -4.38
CA LEU D 113 7.86 28.77 -4.62
C LEU D 113 7.82 30.31 -4.51
N GLN D 114 8.25 30.82 -3.37
CA GLN D 114 8.27 32.25 -3.08
C GLN D 114 8.97 33.07 -4.16
N GLU D 115 10.15 32.61 -4.57
CA GLU D 115 10.96 33.26 -5.60
C GLU D 115 10.22 33.25 -6.94
N ILE D 116 9.70 32.08 -7.29
CA ILE D 116 8.94 31.86 -8.51
C ILE D 116 7.72 32.79 -8.58
N LEU D 117 7.02 32.92 -7.45
CA LEU D 117 5.84 33.78 -7.38
C LEU D 117 6.17 35.27 -7.45
N ARG D 118 7.28 35.67 -6.83
CA ARG D 118 7.71 37.06 -6.90
C ARG D 118 7.99 37.44 -8.35
N ILE D 119 8.71 36.56 -9.04
CA ILE D 119 9.06 36.77 -10.45
C ILE D 119 7.81 36.80 -11.33
N ILE D 120 6.87 35.90 -11.09
CA ILE D 120 5.64 35.84 -11.87
C ILE D 120 4.88 37.18 -11.75
N LYS D 121 4.79 37.70 -10.53
CA LYS D 121 4.11 38.98 -10.31
C LYS D 121 4.77 40.09 -11.13
N ASP D 122 6.11 40.17 -11.13
CA ASP D 122 6.84 41.21 -11.87
C ASP D 122 6.57 41.11 -13.39
N LYS D 123 6.12 39.94 -13.88
CA LYS D 123 5.87 39.75 -15.32
C LYS D 123 4.42 39.54 -15.73
N LEU D 124 3.50 39.64 -14.78
CA LEU D 124 2.10 39.42 -15.10
C LEU D 124 1.43 40.62 -15.76
N LYS D 125 0.80 40.40 -16.92
CA LYS D 125 0.09 41.48 -17.61
C LYS D 125 -1.17 41.89 -16.80
N PRO D 126 -1.71 43.08 -17.07
CA PRO D 126 -2.91 43.46 -16.31
C PRO D 126 -4.04 42.48 -16.63
N GLY D 127 -4.72 42.00 -15.59
CA GLY D 127 -5.80 41.03 -15.78
C GLY D 127 -5.30 39.58 -15.84
N GLY D 128 -4.02 39.38 -15.56
CA GLY D 128 -3.42 38.05 -15.58
C GLY D 128 -3.87 37.18 -14.42
N ARG D 129 -3.76 35.86 -14.62
CA ARG D 129 -4.17 34.90 -13.61
C ARG D 129 -3.02 33.98 -13.19
N ILE D 130 -2.91 33.74 -11.89
CA ILE D 130 -1.89 32.85 -11.36
C ILE D 130 -2.64 31.71 -10.67
N ILE D 131 -2.23 30.47 -10.92
CA ILE D 131 -2.84 29.29 -10.31
C ILE D 131 -1.74 28.35 -9.87
N VAL D 132 -1.68 28.05 -8.57
CA VAL D 132 -0.67 27.16 -8.02
C VAL D 132 -1.37 25.87 -7.63
N THR D 133 -0.83 24.74 -8.11
CA THR D 133 -1.37 23.42 -7.82
C THR D 133 -0.58 22.89 -6.64
N ALA D 134 -1.25 22.66 -5.51
CA ALA D 134 -0.57 22.20 -4.29
C ALA D 134 -0.99 20.85 -3.72
N ILE D 135 -0.03 19.95 -3.58
CA ILE D 135 -0.31 18.65 -3.00
C ILE D 135 0.33 18.57 -1.61
N LEU D 136 1.32 19.43 -1.37
CA LEU D 136 1.95 19.48 -0.07
C LEU D 136 1.24 20.51 0.80
N LEU D 137 1.00 20.14 2.05
CA LEU D 137 0.34 21.02 3.00
C LEU D 137 1.08 22.35 3.12
N GLU D 138 2.40 22.29 3.10
CA GLU D 138 3.24 23.48 3.25
C GLU D 138 3.03 24.43 2.08
N THR D 139 2.92 23.86 0.89
CA THR D 139 2.73 24.63 -0.31
C THR D 139 1.40 25.39 -0.28
N LYS D 140 0.36 24.76 0.27
CA LYS D 140 -0.94 25.42 0.33
C LYS D 140 -0.83 26.66 1.19
N PHE D 141 -0.09 26.54 2.30
CA PHE D 141 0.11 27.65 3.23
C PHE D 141 1.02 28.73 2.63
N GLU D 142 2.15 28.28 2.11
CA GLU D 142 3.16 29.11 1.49
C GLU D 142 2.62 29.93 0.31
N ALA D 143 1.79 29.30 -0.53
CA ALA D 143 1.25 29.98 -1.69
C ALA D 143 0.28 31.08 -1.27
N MSE D 144 -0.49 30.79 -0.23
CA MSE D 144 -1.48 31.72 0.33
C MSE D 144 -0.83 32.95 0.95
O MSE D 144 -1.23 34.08 0.66
CB MSE D 144 -2.32 31.02 1.39
CG MSE D 144 -3.26 29.96 0.89
SE MSE D 144 -4.96 30.75 0.45
CE MSE D 144 -5.69 30.65 2.22
N GLU D 145 0.16 32.74 1.82
CA GLU D 145 0.84 33.87 2.46
C GLU D 145 1.54 34.72 1.40
N CYS D 146 2.37 34.07 0.58
CA CYS D 146 3.10 34.76 -0.49
C CYS D 146 2.22 35.60 -1.44
N LEU D 147 1.19 35.00 -2.06
CA LEU D 147 0.35 35.76 -2.95
C LEU D 147 -0.29 36.98 -2.26
N ARG D 148 -0.71 36.84 -1.02
CA ARG D 148 -1.28 37.97 -0.29
C ARG D 148 -0.22 39.05 -0.11
N ASP D 149 0.95 38.61 0.35
CA ASP D 149 2.06 39.51 0.59
C ASP D 149 2.44 40.26 -0.68
N LEU D 150 2.15 39.68 -1.84
CA LEU D 150 2.45 40.33 -3.11
C LEU D 150 1.27 41.21 -3.56
N GLY D 151 0.27 41.32 -2.70
CA GLY D 151 -0.87 42.17 -2.99
C GLY D 151 -2.03 41.59 -3.77
N PHE D 152 -2.09 40.28 -3.91
CA PHE D 152 -3.20 39.67 -4.65
C PHE D 152 -4.36 39.28 -3.76
N ASP D 153 -5.51 39.08 -4.41
CA ASP D 153 -6.70 38.64 -3.72
C ASP D 153 -6.61 37.14 -3.90
N VAL D 154 -6.39 36.42 -2.82
CA VAL D 154 -6.20 34.98 -2.86
C VAL D 154 -7.38 34.07 -2.50
N ASN D 155 -7.52 32.99 -3.26
CA ASN D 155 -8.56 31.97 -3.05
C ASN D 155 -7.96 30.57 -3.09
N ILE D 156 -8.60 29.65 -2.39
CA ILE D 156 -8.11 28.26 -2.39
C ILE D 156 -9.29 27.30 -2.47
N THR D 157 -9.15 26.25 -3.28
CA THR D 157 -10.14 25.17 -3.46
C THR D 157 -9.42 23.84 -3.40
N GLU D 158 -9.92 22.92 -2.58
CA GLU D 158 -9.32 21.60 -2.45
C GLU D 158 -10.29 20.56 -2.98
N LEU D 159 -9.89 19.84 -4.01
CA LEU D 159 -10.73 18.82 -4.57
C LEU D 159 -10.41 17.42 -4.08
N ASN D 160 -11.46 16.71 -3.71
CA ASN D 160 -11.34 15.32 -3.30
C ASN D 160 -12.18 14.60 -4.32
N ILE D 161 -11.51 13.92 -5.25
CA ILE D 161 -12.18 13.22 -6.35
C ILE D 161 -12.18 11.71 -6.17
N ALA D 162 -13.32 11.09 -6.50
CA ALA D 162 -13.46 9.65 -6.43
C ALA D 162 -14.08 9.23 -7.75
N ARG D 163 -13.54 8.16 -8.33
CA ARG D 163 -14.02 7.66 -9.60
C ARG D 163 -14.43 6.21 -9.44
N GLY D 164 -15.56 5.87 -10.05
CA GLY D 164 -16.08 4.51 -9.97
C GLY D 164 -15.23 3.55 -10.78
N ARG D 165 -15.04 2.35 -10.23
CA ARG D 165 -14.25 1.31 -10.90
C ARG D 165 -15.04 0.00 -10.71
N ALA D 166 -15.07 -0.84 -11.74
CA ALA D 166 -15.75 -2.14 -11.66
C ALA D 166 -14.99 -3.07 -10.71
N LEU D 167 -15.73 -3.73 -9.82
CA LEU D 167 -15.15 -4.66 -8.85
C LEU D 167 -16.26 -5.52 -8.28
N ASP D 168 -16.18 -6.84 -8.49
CA ASP D 168 -17.18 -7.81 -7.98
C ASP D 168 -18.55 -7.61 -8.61
N ARG D 169 -18.59 -7.33 -9.91
CA ARG D 169 -19.87 -7.11 -10.58
C ARG D 169 -20.57 -5.85 -9.97
N GLY D 170 -19.85 -5.09 -9.15
CA GLY D 170 -20.35 -3.87 -8.53
C GLY D 170 -19.45 -2.68 -8.88
N THR D 171 -19.74 -1.50 -8.34
CA THR D 171 -18.95 -0.30 -8.62
C THR D 171 -18.27 0.28 -7.39
N MSE D 172 -16.95 0.14 -7.30
CA MSE D 172 -16.24 0.68 -6.16
C MSE D 172 -15.75 2.09 -6.42
O MSE D 172 -15.45 2.44 -7.57
CB MSE D 172 -15.08 -0.24 -5.76
CG MSE D 172 -13.76 0.04 -6.37
SE MSE D 172 -12.36 -0.81 -5.20
CE MSE D 172 -13.07 -0.16 -3.47
N MSE D 173 -15.74 2.92 -5.38
CA MSE D 173 -15.30 4.29 -5.52
C MSE D 173 -13.81 4.39 -5.19
O MSE D 173 -13.39 3.94 -4.13
CB MSE D 173 -16.11 5.21 -4.60
CG MSE D 173 -17.62 5.26 -4.93
SE MSE D 173 -18.02 5.65 -6.80
CE MSE D 173 -17.38 7.47 -6.97
N VAL D 174 -13.02 4.89 -6.14
CA VAL D 174 -11.58 5.00 -5.92
C VAL D 174 -11.22 6.45 -5.80
N SER D 175 -10.62 6.82 -4.69
CA SER D 175 -10.23 8.21 -4.48
C SER D 175 -8.86 8.56 -5.02
N ARG D 176 -8.68 9.84 -5.31
CA ARG D 176 -7.42 10.37 -5.78
C ARG D 176 -6.96 11.24 -4.64
N ASN D 177 -5.64 11.40 -4.48
CA ASN D 177 -5.13 12.24 -3.41
C ASN D 177 -5.68 13.65 -3.59
N PRO D 178 -6.01 14.33 -2.49
CA PRO D 178 -6.53 15.68 -2.62
C PRO D 178 -5.53 16.66 -3.21
N VAL D 179 -6.03 17.59 -4.01
CA VAL D 179 -5.19 18.60 -4.63
C VAL D 179 -5.85 19.94 -4.41
N ALA D 180 -5.08 20.93 -3.99
CA ALA D 180 -5.64 22.25 -3.77
C ALA D 180 -5.16 23.20 -4.89
N LEU D 181 -6.02 24.14 -5.27
CA LEU D 181 -5.67 25.11 -6.29
C LEU D 181 -5.72 26.48 -5.61
N ILE D 182 -4.57 27.14 -5.51
CA ILE D 182 -4.48 28.47 -4.92
C ILE D 182 -4.41 29.44 -6.10
N TYR D 183 -5.41 30.31 -6.24
CA TYR D 183 -5.44 31.20 -7.40
C TYR D 183 -5.73 32.64 -7.03
N THR D 184 -5.30 33.55 -7.88
CA THR D 184 -5.48 34.97 -7.63
C THR D 184 -6.68 35.57 -8.37
N GLY D 185 -7.16 36.72 -7.90
CA GLY D 185 -8.28 37.37 -8.54
C GLY D 185 -7.94 37.68 -10.00
N VAL D 186 -8.90 37.49 -10.88
CA VAL D 186 -8.73 37.75 -12.31
C VAL D 186 -8.83 39.26 -12.56
N MSE E 1 25.19 -36.76 2.25
CA MSE E 1 23.82 -36.37 1.86
C MSE E 1 23.08 -37.61 1.44
O MSE E 1 23.66 -38.53 0.88
CB MSE E 1 23.85 -35.40 0.66
CG MSE E 1 24.66 -34.15 0.88
SE MSE E 1 23.67 -32.76 1.78
CE MSE E 1 22.14 -32.77 0.59
N ILE E 2 21.78 -37.60 1.68
CA ILE E 2 20.92 -38.70 1.30
C ILE E 2 20.73 -38.60 -0.24
N PRO E 3 21.09 -39.66 -0.99
CA PRO E 3 20.93 -39.60 -2.45
C PRO E 3 19.47 -39.37 -2.84
N ASP E 4 19.28 -38.55 -3.86
CA ASP E 4 17.95 -38.22 -4.37
C ASP E 4 17.10 -39.45 -4.70
N ASP E 5 17.72 -40.54 -5.16
CA ASP E 5 16.98 -41.76 -5.53
C ASP E 5 16.56 -42.61 -4.34
N GLU E 6 16.81 -42.12 -3.13
CA GLU E 6 16.42 -42.86 -1.92
C GLU E 6 15.20 -42.19 -1.26
N PHE E 7 14.60 -41.26 -1.98
CA PHE E 7 13.44 -40.50 -1.52
C PHE E 7 12.14 -40.97 -2.15
N ILE E 8 11.23 -41.38 -1.28
CA ILE E 8 9.94 -41.84 -1.73
C ILE E 8 9.18 -40.64 -2.30
N LYS E 9 8.95 -40.66 -3.60
CA LYS E 9 8.18 -39.59 -4.25
C LYS E 9 6.71 -39.98 -4.19
N ASN E 10 5.82 -39.01 -4.42
CA ASN E 10 4.35 -39.21 -4.43
C ASN E 10 3.89 -38.39 -5.63
N PRO E 11 2.92 -38.91 -6.41
CA PRO E 11 2.47 -38.13 -7.58
C PRO E 11 2.12 -36.64 -7.41
N SER E 12 1.54 -36.24 -6.27
CA SER E 12 1.16 -34.83 -6.07
C SER E 12 2.18 -33.92 -5.39
N VAL E 13 3.27 -34.49 -4.89
CA VAL E 13 4.28 -33.70 -4.19
C VAL E 13 5.62 -33.58 -4.92
N PRO E 14 6.08 -32.33 -5.17
CA PRO E 14 7.35 -32.15 -5.87
C PRO E 14 8.55 -32.40 -4.95
N GLY E 15 9.69 -32.70 -5.58
CA GLY E 15 10.89 -32.97 -4.82
C GLY E 15 11.36 -34.42 -5.02
N PRO E 16 12.45 -34.84 -4.37
CA PRO E 16 13.23 -33.97 -3.47
C PRO E 16 14.03 -32.95 -4.28
N THR E 17 14.43 -31.88 -3.63
CA THR E 17 15.24 -30.87 -4.26
C THR E 17 16.58 -31.53 -4.65
N ALA E 18 17.08 -31.18 -5.84
CA ALA E 18 18.34 -31.68 -6.38
C ALA E 18 19.42 -31.77 -5.29
N MSE E 19 20.04 -32.95 -5.14
CA MSE E 19 21.08 -33.16 -4.13
C MSE E 19 22.13 -32.07 -4.09
O MSE E 19 22.49 -31.57 -3.02
CB MSE E 19 21.76 -34.53 -4.35
CG MSE E 19 22.80 -34.93 -3.25
SE MSE E 19 24.65 -34.25 -3.61
CE MSE E 19 24.92 -33.19 -2.11
N GLU E 20 22.61 -31.66 -5.26
CA GLU E 20 23.65 -30.63 -5.34
C GLU E 20 23.13 -29.31 -4.77
N VAL E 21 21.83 -29.06 -4.93
CA VAL E 21 21.23 -27.83 -4.40
C VAL E 21 21.06 -27.99 -2.89
N ARG E 22 20.60 -29.16 -2.46
CA ARG E 22 20.42 -29.41 -1.04
C ARG E 22 21.76 -29.27 -0.31
N CYS E 23 22.82 -29.71 -1.00
CA CYS E 23 24.17 -29.64 -0.45
C CYS E 23 24.55 -28.18 -0.21
N LEU E 24 24.31 -27.33 -1.19
CA LEU E 24 24.62 -25.91 -1.08
C LEU E 24 23.73 -25.25 -0.03
N ILE E 25 22.45 -25.65 0.03
CA ILE E 25 21.54 -25.08 1.04
C ILE E 25 22.16 -25.32 2.43
N MSE E 26 22.70 -26.53 2.63
CA MSE E 26 23.33 -26.85 3.92
C MSE E 26 24.61 -26.03 4.17
O MSE E 26 24.88 -25.62 5.31
CB MSE E 26 23.62 -28.35 4.03
CG MSE E 26 22.38 -29.23 4.00
SE MSE E 26 21.03 -28.80 5.37
CE MSE E 26 21.67 -29.77 6.85
N CYS E 27 25.39 -25.79 3.12
CA CYS E 27 26.61 -25.00 3.26
C CYS E 27 26.29 -23.55 3.63
N LEU E 28 25.21 -23.05 3.06
CA LEU E 28 24.74 -21.68 3.33
C LEU E 28 24.04 -21.59 4.70
N ALA E 29 23.30 -22.64 5.05
CA ALA E 29 22.61 -22.70 6.32
C ALA E 29 23.54 -22.89 7.53
N GLU E 30 24.64 -23.62 7.36
CA GLU E 30 25.60 -23.89 8.44
C GLU E 30 24.87 -24.41 9.67
N PRO E 31 24.24 -25.58 9.54
CA PRO E 31 23.48 -26.21 10.62
C PRO E 31 24.32 -26.52 11.86
N GLY E 32 23.80 -26.11 13.02
CA GLY E 32 24.47 -26.35 14.28
C GLY E 32 23.59 -27.22 15.15
N LYS E 33 24.19 -28.03 16.00
CA LYS E 33 23.41 -28.92 16.87
C LYS E 33 22.46 -28.27 17.85
N ASN E 34 22.59 -26.96 18.05
CA ASN E 34 21.71 -26.22 18.96
C ASN E 34 20.82 -25.26 18.20
N ASP E 35 20.72 -25.47 16.90
CA ASP E 35 19.90 -24.62 16.05
C ASP E 35 18.48 -25.14 15.96
N VAL E 36 17.55 -24.19 15.80
CA VAL E 36 16.13 -24.49 15.64
C VAL E 36 15.89 -24.05 14.21
N ALA E 37 15.42 -24.97 13.37
CA ALA E 37 15.18 -24.64 11.98
C ALA E 37 13.74 -24.85 11.54
N VAL E 38 13.30 -24.10 10.52
CA VAL E 38 11.96 -24.26 9.96
C VAL E 38 12.12 -24.45 8.44
N ASP E 39 11.42 -25.45 7.91
CA ASP E 39 11.45 -25.74 6.50
C ASP E 39 10.04 -25.47 6.00
N VAL E 40 9.86 -24.30 5.40
CA VAL E 40 8.58 -23.88 4.85
C VAL E 40 8.34 -24.56 3.49
N GLY E 41 7.34 -25.44 3.44
CA GLY E 41 7.05 -26.15 2.21
C GLY E 41 8.03 -27.31 2.12
N CYS E 42 7.91 -28.26 3.05
CA CYS E 42 8.82 -29.40 3.09
C CYS E 42 8.72 -30.39 1.92
N GLY E 43 7.61 -30.36 1.19
CA GLY E 43 7.43 -31.25 0.05
C GLY E 43 7.72 -32.71 0.32
N THR E 44 8.66 -33.28 -0.43
CA THR E 44 9.06 -34.68 -0.29
C THR E 44 9.94 -34.89 0.96
N GLY E 45 10.54 -33.82 1.46
CA GLY E 45 11.38 -33.91 2.66
C GLY E 45 12.87 -33.78 2.44
N GLY E 46 13.29 -33.47 1.23
CA GLY E 46 14.70 -33.35 0.92
C GLY E 46 15.47 -32.45 1.85
N VAL E 47 14.92 -31.28 2.17
CA VAL E 47 15.62 -30.34 3.03
C VAL E 47 15.40 -30.70 4.51
N THR E 48 14.20 -31.16 4.82
CA THR E 48 13.87 -31.54 6.20
C THR E 48 14.76 -32.67 6.73
N LEU E 49 14.99 -33.70 5.91
CA LEU E 49 15.81 -34.83 6.31
C LEU E 49 17.24 -34.42 6.64
N GLU E 50 17.81 -33.56 5.80
CA GLU E 50 19.17 -33.08 6.01
C GLU E 50 19.28 -32.23 7.28
N LEU E 51 18.29 -31.37 7.50
CA LEU E 51 18.27 -30.52 8.69
C LEU E 51 18.05 -31.38 9.93
N ALA E 52 17.21 -32.40 9.79
CA ALA E 52 16.88 -33.31 10.90
C ALA E 52 18.12 -33.89 11.56
N GLY E 53 19.06 -34.38 10.77
CA GLY E 53 20.26 -34.94 11.34
C GLY E 53 21.35 -33.97 11.73
N ARG E 54 21.10 -32.66 11.68
CA ARG E 54 22.13 -31.69 12.03
C ARG E 54 21.76 -30.65 13.07
N VAL E 55 20.46 -30.41 13.25
CA VAL E 55 20.04 -29.40 14.22
C VAL E 55 19.28 -30.00 15.40
N ARG E 56 18.90 -29.14 16.36
CA ARG E 56 18.17 -29.58 17.55
C ARG E 56 16.70 -29.87 17.26
N ARG E 57 16.01 -28.93 16.63
CA ARG E 57 14.60 -29.10 16.32
C ARG E 57 14.29 -28.49 14.94
N VAL E 58 13.53 -29.22 14.14
CA VAL E 58 13.12 -28.77 12.81
C VAL E 58 11.61 -28.74 12.77
N TYR E 59 11.06 -27.67 12.20
CA TYR E 59 9.62 -27.50 12.06
C TYR E 59 9.36 -27.56 10.55
N ALA E 60 8.72 -28.64 10.09
CA ALA E 60 8.43 -28.84 8.68
C ALA E 60 6.98 -28.53 8.39
N ILE E 61 6.76 -27.53 7.54
CA ILE E 61 5.41 -27.07 7.19
C ILE E 61 5.04 -27.37 5.75
N ASP E 62 3.76 -27.64 5.51
CA ASP E 62 3.25 -27.88 4.17
C ASP E 62 1.73 -27.84 4.07
N ARG E 63 1.22 -27.12 3.07
CA ARG E 63 -0.23 -27.02 2.83
C ARG E 63 -0.79 -28.40 2.51
N ASN E 64 -0.05 -29.12 1.68
CA ASN E 64 -0.45 -30.44 1.21
C ASN E 64 -0.33 -31.56 2.23
N PRO E 65 -1.46 -32.18 2.63
CA PRO E 65 -1.43 -33.27 3.61
C PRO E 65 -0.61 -34.46 3.09
N GLU E 66 -0.60 -34.63 1.76
CA GLU E 66 0.15 -35.69 1.08
C GLU E 66 1.65 -35.44 1.21
N ALA E 67 2.03 -34.16 1.29
CA ALA E 67 3.42 -33.75 1.44
C ALA E 67 3.88 -34.04 2.86
N ILE E 68 3.00 -33.78 3.83
CA ILE E 68 3.33 -34.04 5.22
C ILE E 68 3.51 -35.55 5.40
N SER E 69 2.64 -36.30 4.73
CA SER E 69 2.68 -37.76 4.76
C SER E 69 3.99 -38.30 4.17
N THR E 70 4.32 -37.80 2.98
CA THR E 70 5.53 -38.16 2.26
C THR E 70 6.76 -37.79 3.07
N THR E 71 6.79 -36.60 3.64
CA THR E 71 7.95 -36.24 4.46
C THR E 71 8.15 -37.19 5.65
N GLU E 72 7.08 -37.59 6.32
CA GLU E 72 7.24 -38.48 7.47
C GLU E 72 7.72 -39.86 7.06
N MSE E 73 7.23 -40.37 5.93
CA MSE E 73 7.66 -41.67 5.45
C MSE E 73 9.15 -41.62 5.19
O MSE E 73 9.90 -42.47 5.64
CB MSE E 73 6.98 -42.07 4.15
CG MSE E 73 5.52 -42.39 4.25
SE MSE E 73 4.92 -43.21 2.60
CE MSE E 73 5.30 -41.75 1.39
N ASN E 74 9.59 -40.60 4.46
CA ASN E 74 11.00 -40.49 4.17
C ASN E 74 11.86 -40.36 5.43
N LEU E 75 11.30 -39.74 6.47
CA LEU E 75 12.01 -39.61 7.76
C LEU E 75 12.13 -41.00 8.41
N GLN E 76 11.03 -41.75 8.45
CA GLN E 76 11.06 -43.10 9.03
C GLN E 76 12.04 -43.99 8.26
N ARG E 77 11.94 -43.97 6.93
CA ARG E 77 12.78 -44.76 6.02
C ARG E 77 14.27 -44.57 6.33
N HIS E 78 14.63 -43.37 6.76
CA HIS E 78 16.01 -43.05 7.10
C HIS E 78 16.32 -42.92 8.57
N GLY E 79 15.39 -43.37 9.43
CA GLY E 79 15.61 -43.30 10.86
C GLY E 79 15.77 -41.91 11.45
N LEU E 80 15.06 -40.96 10.86
CA LEU E 80 15.09 -39.58 11.29
C LEU E 80 13.65 -39.23 11.63
N GLY E 81 13.43 -38.11 12.34
CA GLY E 81 12.07 -37.71 12.66
C GLY E 81 11.67 -37.43 14.10
N ASP E 82 12.46 -37.89 15.08
CA ASP E 82 12.12 -37.66 16.48
C ASP E 82 12.30 -36.20 16.95
N ASN E 83 13.00 -35.39 16.14
CA ASN E 83 13.23 -33.97 16.46
C ASN E 83 12.60 -33.10 15.38
N VAL E 84 11.64 -33.67 14.67
CA VAL E 84 10.95 -32.97 13.62
C VAL E 84 9.47 -32.84 13.97
N THR E 85 8.99 -31.61 13.97
CA THR E 85 7.59 -31.33 14.26
C THR E 85 6.92 -31.02 12.91
N LEU E 86 6.12 -31.96 12.41
CA LEU E 86 5.39 -31.79 11.15
C LEU E 86 4.14 -30.96 11.38
N MSE E 87 3.91 -30.00 10.50
CA MSE E 87 2.75 -29.12 10.63
C MSE E 87 2.02 -28.95 9.32
O MSE E 87 2.55 -28.32 8.40
CB MSE E 87 3.20 -27.75 11.11
CG MSE E 87 3.99 -27.79 12.38
SE MSE E 87 4.45 -26.01 12.99
CE MSE E 87 6.06 -25.78 11.97
N GLU E 88 0.83 -29.52 9.22
CA GLU E 88 0.06 -29.35 7.99
C GLU E 88 -0.68 -28.04 8.08
N GLY E 89 -0.69 -27.29 6.98
CA GLY E 89 -1.37 -26.01 6.98
C GLY E 89 -0.62 -24.96 6.21
N ASP E 90 -1.26 -23.82 6.03
CA ASP E 90 -0.69 -22.71 5.31
C ASP E 90 0.43 -22.13 6.17
N ALA E 91 1.58 -21.85 5.54
CA ALA E 91 2.76 -21.32 6.22
C ALA E 91 2.65 -20.15 7.20
N PRO E 92 2.09 -18.99 6.78
CA PRO E 92 1.99 -17.85 7.69
C PRO E 92 1.43 -18.14 9.11
N GLU E 93 0.33 -18.90 9.15
CA GLU E 93 -0.29 -19.27 10.42
C GLU E 93 0.59 -20.24 11.21
N ALA E 94 1.05 -21.30 10.55
CA ALA E 94 1.91 -22.31 11.19
C ALA E 94 3.19 -21.67 11.70
N LEU E 95 3.70 -20.71 10.97
CA LEU E 95 4.92 -20.01 11.36
C LEU E 95 4.70 -19.24 12.66
N CYS E 96 3.48 -18.77 12.89
CA CYS E 96 3.17 -18.01 14.10
C CYS E 96 3.13 -18.86 15.37
N LYS E 97 2.97 -20.17 15.22
CA LYS E 97 2.88 -21.07 16.37
C LYS E 97 4.23 -21.63 16.85
N ILE E 98 5.29 -21.46 16.06
CA ILE E 98 6.58 -22.00 16.42
C ILE E 98 7.45 -20.97 17.15
N PRO E 99 8.48 -21.44 17.88
CA PRO E 99 9.36 -20.52 18.59
C PRO E 99 10.30 -19.82 17.61
N ASP E 100 11.22 -19.01 18.14
CA ASP E 100 12.17 -18.32 17.27
C ASP E 100 13.10 -19.32 16.58
N ILE E 101 13.55 -18.94 15.39
CA ILE E 101 14.40 -19.80 14.58
C ILE E 101 15.80 -19.26 14.28
N ASP E 102 16.74 -20.18 14.11
CA ASP E 102 18.12 -19.85 13.76
C ASP E 102 18.27 -19.98 12.24
N ILE E 103 17.52 -20.91 11.66
CA ILE E 103 17.59 -21.17 10.24
C ILE E 103 16.18 -21.27 9.65
N ALA E 104 15.98 -20.64 8.50
CA ALA E 104 14.70 -20.68 7.81
C ALA E 104 14.91 -20.95 6.33
N VAL E 105 14.40 -22.08 5.84
CA VAL E 105 14.53 -22.44 4.43
C VAL E 105 13.13 -22.41 3.86
N VAL E 106 12.93 -21.60 2.83
CA VAL E 106 11.62 -21.50 2.20
C VAL E 106 11.65 -22.32 0.91
N GLY E 107 11.11 -23.52 0.97
CA GLY E 107 11.09 -24.40 -0.19
C GLY E 107 9.90 -24.22 -1.10
N GLY E 108 8.92 -23.44 -0.64
CA GLY E 108 7.72 -23.17 -1.43
C GLY E 108 6.96 -22.04 -0.76
N SER E 109 6.42 -21.11 -1.54
CA SER E 109 5.69 -19.98 -0.94
C SER E 109 4.20 -19.91 -1.34
N GLY E 110 3.86 -20.49 -2.47
CA GLY E 110 2.49 -20.52 -2.93
C GLY E 110 1.75 -19.20 -3.03
N GLY E 111 2.48 -18.14 -3.36
CA GLY E 111 1.85 -16.84 -3.52
C GLY E 111 1.97 -15.98 -2.29
N GLU E 112 2.39 -16.54 -1.18
CA GLU E 112 2.51 -15.78 0.07
C GLU E 112 3.96 -15.53 0.49
N LEU E 113 4.89 -15.50 -0.47
CA LEU E 113 6.31 -15.30 -0.17
C LEU E 113 6.58 -14.11 0.73
N GLN E 114 6.08 -12.95 0.32
CA GLN E 114 6.27 -11.70 1.06
C GLN E 114 5.83 -11.79 2.52
N GLU E 115 4.64 -12.36 2.71
CA GLU E 115 4.05 -12.53 4.03
C GLU E 115 4.91 -13.47 4.85
N ILE E 116 5.32 -14.56 4.22
CA ILE E 116 6.18 -15.57 4.84
C ILE E 116 7.49 -14.95 5.30
N LEU E 117 8.10 -14.14 4.43
CA LEU E 117 9.37 -13.48 4.75
C LEU E 117 9.26 -12.46 5.91
N ARG E 118 8.16 -11.70 5.97
CA ARG E 118 7.92 -10.71 7.03
C ARG E 118 7.79 -11.43 8.37
N ILE E 119 7.03 -12.53 8.37
CA ILE E 119 6.85 -13.32 9.58
C ILE E 119 8.19 -13.91 10.04
N ILE E 120 8.96 -14.46 9.08
CA ILE E 120 10.29 -15.03 9.39
C ILE E 120 11.26 -13.97 9.99
N LYS E 121 11.27 -12.76 9.44
CA LYS E 121 12.13 -11.71 9.99
C LYS E 121 11.83 -11.50 11.48
N ASP E 122 10.55 -11.48 11.85
CA ASP E 122 10.17 -11.28 13.26
C ASP E 122 10.48 -12.49 14.13
N LYS E 123 10.75 -13.65 13.50
CA LYS E 123 11.05 -14.86 14.26
C LYS E 123 12.52 -15.29 14.24
N LEU E 124 13.33 -14.56 13.49
CA LEU E 124 14.74 -14.90 13.36
C LEU E 124 15.64 -14.50 14.53
N LYS E 125 16.25 -15.48 15.19
CA LYS E 125 17.17 -15.25 16.29
C LYS E 125 18.44 -14.57 15.74
N PRO E 126 19.18 -13.82 16.58
CA PRO E 126 20.41 -13.14 16.13
C PRO E 126 21.38 -14.07 15.42
N GLY E 127 21.88 -13.64 14.24
CA GLY E 127 22.81 -14.47 13.49
C GLY E 127 22.10 -15.55 12.70
N GLY E 128 20.77 -15.43 12.57
CA GLY E 128 19.99 -16.40 11.83
C GLY E 128 20.19 -16.30 10.33
N ARG E 129 19.89 -17.38 9.61
CA ARG E 129 20.04 -17.43 8.16
C ARG E 129 18.73 -17.79 7.49
N ILE E 130 18.43 -17.07 6.40
CA ILE E 130 17.23 -17.33 5.62
C ILE E 130 17.70 -17.72 4.21
N ILE E 131 17.13 -18.80 3.68
CA ILE E 131 17.47 -19.27 2.35
C ILE E 131 16.18 -19.61 1.62
N VAL E 132 15.95 -18.92 0.50
CA VAL E 132 14.78 -19.16 -0.33
C VAL E 132 15.23 -19.89 -1.61
N THR E 133 14.57 -21.01 -1.89
CA THR E 133 14.84 -21.82 -3.07
C THR E 133 13.85 -21.37 -4.15
N ALA E 134 14.35 -20.81 -5.25
CA ALA E 134 13.49 -20.30 -6.32
C ALA E 134 13.64 -20.93 -7.69
N ILE E 135 12.54 -21.45 -8.22
CA ILE E 135 12.54 -22.02 -9.56
C ILE E 135 11.76 -21.10 -10.50
N LEU E 136 10.90 -20.25 -9.93
CA LEU E 136 10.12 -19.30 -10.72
C LEU E 136 10.88 -18.00 -10.82
N LEU E 137 10.93 -17.43 -12.02
CA LEU E 137 11.61 -16.18 -12.26
C LEU E 137 11.09 -15.07 -11.33
N GLU E 138 9.79 -15.07 -11.10
CA GLU E 138 9.16 -14.06 -10.24
C GLU E 138 9.66 -14.16 -8.81
N THR E 139 9.75 -15.39 -8.33
CA THR E 139 10.22 -15.66 -6.97
C THR E 139 11.65 -15.17 -6.75
N LYS E 140 12.50 -15.28 -7.77
CA LYS E 140 13.89 -14.83 -7.64
C LYS E 140 13.93 -13.33 -7.41
N PHE E 141 13.15 -12.60 -8.21
CA PHE E 141 13.10 -11.15 -8.08
C PHE E 141 12.47 -10.73 -6.75
N GLU E 142 11.28 -11.28 -6.50
CA GLU E 142 10.50 -11.01 -5.30
C GLU E 142 11.24 -11.25 -3.98
N ALA E 143 11.89 -12.42 -3.87
CA ALA E 143 12.62 -12.83 -2.67
C ALA E 143 13.69 -11.82 -2.35
N MSE E 144 14.38 -11.36 -3.37
CA MSE E 144 15.46 -10.39 -3.25
C MSE E 144 14.94 -9.06 -2.76
O MSE E 144 15.42 -8.52 -1.75
CB MSE E 144 16.10 -10.21 -4.62
CG MSE E 144 16.84 -11.41 -5.08
SE MSE E 144 18.66 -11.18 -4.60
CE MSE E 144 19.08 -10.30 -6.27
N GLU E 145 13.95 -8.53 -3.48
CA GLU E 145 13.35 -7.24 -3.17
C GLU E 145 12.85 -7.21 -1.73
N CYS E 146 12.08 -8.22 -1.32
CA CYS E 146 11.58 -8.26 0.04
C CYS E 146 12.72 -8.31 1.03
N LEU E 147 13.67 -9.22 0.79
CA LEU E 147 14.76 -9.33 1.73
C LEU E 147 15.56 -8.03 1.84
N ARG E 148 15.65 -7.26 0.76
CA ARG E 148 16.34 -5.96 0.84
C ARG E 148 15.49 -4.97 1.65
N ASP E 149 14.17 -5.01 1.39
CA ASP E 149 13.18 -4.14 2.05
C ASP E 149 13.03 -4.43 3.55
N LEU E 150 13.34 -5.65 3.96
CA LEU E 150 13.26 -6.02 5.37
C LEU E 150 14.61 -5.75 6.04
N GLY E 151 15.53 -5.12 5.31
CA GLY E 151 16.82 -4.77 5.85
C GLY E 151 17.97 -5.78 5.83
N PHE E 152 17.83 -6.83 5.05
CA PHE E 152 18.89 -7.83 4.99
C PHE E 152 19.88 -7.56 3.87
N ASP E 153 21.04 -8.20 4.03
CA ASP E 153 22.10 -8.17 3.04
C ASP E 153 21.70 -9.40 2.23
N VAL E 154 21.42 -9.21 0.96
CA VAL E 154 20.94 -10.30 0.10
C VAL E 154 21.96 -10.73 -0.97
N ASN E 155 21.98 -12.03 -1.26
CA ASN E 155 22.85 -12.61 -2.29
C ASN E 155 22.04 -13.66 -3.02
N ILE E 156 22.41 -13.93 -4.27
CA ILE E 156 21.73 -14.94 -5.07
C ILE E 156 22.74 -15.74 -5.90
N THR E 157 22.56 -17.05 -5.92
CA THR E 157 23.44 -17.96 -6.64
C THR E 157 22.56 -18.91 -7.44
N GLU E 158 22.76 -18.98 -8.75
CA GLU E 158 21.96 -19.89 -9.53
C GLU E 158 22.78 -21.05 -10.06
N LEU E 159 22.33 -22.26 -9.76
CA LEU E 159 23.01 -23.48 -10.16
C LEU E 159 22.42 -24.19 -11.36
N ASN E 160 23.27 -24.43 -12.36
CA ASN E 160 22.88 -25.17 -13.54
C ASN E 160 23.70 -26.42 -13.42
N ILE E 161 23.04 -27.52 -13.11
CA ILE E 161 23.69 -28.81 -12.91
C ILE E 161 23.41 -29.79 -14.04
N ALA E 162 24.45 -30.53 -14.41
CA ALA E 162 24.37 -31.54 -15.45
C ALA E 162 25.05 -32.78 -14.87
N ARG E 163 24.41 -33.92 -15.05
CA ARG E 163 24.93 -35.18 -14.55
C ARG E 163 25.07 -36.14 -15.70
N GLY E 164 26.18 -36.88 -15.68
CA GLY E 164 26.48 -37.83 -16.73
C GLY E 164 25.58 -39.05 -16.66
N ARG E 165 25.11 -39.47 -17.83
CA ARG E 165 24.24 -40.63 -17.98
C ARG E 165 24.86 -41.49 -19.10
N ALA E 166 24.83 -42.81 -18.95
CA ALA E 166 25.38 -43.74 -19.94
C ALA E 166 24.52 -43.78 -21.20
N LEU E 167 25.14 -43.42 -22.32
CA LEU E 167 24.45 -43.42 -23.60
C LEU E 167 25.32 -44.15 -24.61
N ASP E 168 24.81 -45.27 -25.11
CA ASP E 168 25.49 -46.11 -26.10
C ASP E 168 27.03 -46.12 -25.95
N ARG E 169 27.45 -46.57 -24.78
CA ARG E 169 28.87 -46.69 -24.46
C ARG E 169 29.64 -45.39 -24.23
N GLY E 170 28.92 -44.27 -24.28
CA GLY E 170 29.53 -42.97 -24.09
C GLY E 170 28.91 -42.36 -22.85
N THR E 171 29.26 -41.11 -22.57
CA THR E 171 28.69 -40.40 -21.43
C THR E 171 28.04 -39.07 -21.83
N MSE E 172 26.73 -39.04 -21.84
CA MSE E 172 25.98 -37.85 -22.22
C MSE E 172 25.66 -37.07 -20.95
O MSE E 172 25.42 -37.67 -19.90
CB MSE E 172 24.70 -38.30 -22.88
CG MSE E 172 23.71 -37.23 -23.23
SE MSE E 172 22.03 -38.17 -23.26
CE MSE E 172 21.61 -38.05 -25.12
N MSE E 173 25.67 -35.75 -21.03
CA MSE E 173 25.36 -34.92 -19.87
C MSE E 173 23.88 -34.58 -19.88
O MSE E 173 23.34 -34.17 -20.90
CB MSE E 173 26.19 -33.65 -19.85
CG MSE E 173 27.70 -33.90 -19.88
SE MSE E 173 28.34 -35.01 -18.39
CE MSE E 173 28.37 -33.61 -17.02
N VAL E 174 23.21 -34.77 -18.75
CA VAL E 174 21.79 -34.50 -18.64
C VAL E 174 21.58 -33.38 -17.62
N SER E 175 20.97 -32.29 -18.06
CA SER E 175 20.79 -31.14 -17.20
C SER E 175 19.57 -31.19 -16.31
N ARG E 176 19.62 -30.41 -15.23
CA ARG E 176 18.51 -30.29 -14.30
C ARG E 176 18.05 -28.87 -14.47
N ASN E 177 16.78 -28.60 -14.23
CA ASN E 177 16.28 -27.23 -14.35
C ASN E 177 17.06 -26.33 -13.40
N PRO E 178 17.38 -25.10 -13.83
CA PRO E 178 18.14 -24.25 -12.93
C PRO E 178 17.37 -23.91 -11.66
N VAL E 179 18.10 -23.73 -10.56
CA VAL E 179 17.50 -23.38 -9.29
C VAL E 179 18.37 -22.28 -8.69
N ALA E 180 17.72 -21.24 -8.19
CA ALA E 180 18.44 -20.15 -7.58
C ALA E 180 18.24 -20.19 -6.06
N LEU E 181 19.27 -19.80 -5.31
CA LEU E 181 19.17 -19.76 -3.87
C LEU E 181 19.39 -18.32 -3.46
N ILE E 182 18.34 -17.69 -2.92
CA ILE E 182 18.40 -16.31 -2.45
C ILE E 182 18.61 -16.41 -0.93
N TYR E 183 19.73 -15.90 -0.44
CA TYR E 183 20.02 -16.02 0.98
C TYR E 183 20.51 -14.72 1.61
N THR E 184 20.31 -14.63 2.92
CA THR E 184 20.72 -13.45 3.67
C THR E 184 22.07 -13.64 4.38
N GLY E 185 22.68 -12.50 4.72
CA GLY E 185 23.96 -12.50 5.40
C GLY E 185 23.85 -13.13 6.78
N VAL E 186 24.92 -13.82 7.14
CA VAL E 186 25.02 -14.50 8.43
C VAL E 186 25.24 -13.45 9.54
N MSE F 1 31.32 -23.46 5.34
CA MSE F 1 32.44 -23.35 4.37
C MSE F 1 33.18 -22.05 4.59
O MSE F 1 32.58 -21.03 4.91
CB MSE F 1 31.91 -23.38 2.95
CG MSE F 1 31.20 -24.67 2.65
SE MSE F 1 32.43 -26.14 2.47
CE MSE F 1 33.53 -25.38 1.08
N ILE F 2 34.49 -22.13 4.48
CA ILE F 2 35.36 -20.98 4.66
C ILE F 2 35.21 -20.22 3.35
N PRO F 3 34.56 -19.05 3.37
CA PRO F 3 34.35 -18.24 2.16
C PRO F 3 35.61 -18.14 1.33
N ASP F 4 35.50 -18.24 0.00
CA ASP F 4 36.71 -18.10 -0.81
C ASP F 4 37.09 -16.62 -0.96
N ASP F 5 37.09 -15.99 0.20
CA ASP F 5 37.41 -14.59 0.40
C ASP F 5 38.40 -14.52 1.54
N GLU F 6 38.56 -15.65 2.23
CA GLU F 6 39.47 -15.78 3.36
C GLU F 6 40.73 -16.50 2.88
N PHE F 7 40.88 -16.56 1.56
CA PHE F 7 42.02 -17.25 0.97
C PHE F 7 43.08 -16.35 0.35
N ILE F 8 44.28 -16.41 0.94
CA ILE F 8 45.43 -15.64 0.46
C ILE F 8 45.79 -16.20 -0.90
N LYS F 9 46.04 -15.31 -1.85
CA LYS F 9 46.39 -15.73 -3.19
C LYS F 9 47.79 -15.32 -3.62
N ASN F 10 48.56 -16.30 -4.10
CA ASN F 10 49.90 -16.01 -4.61
C ASN F 10 49.65 -15.80 -6.12
N PRO F 11 50.39 -14.88 -6.77
CA PRO F 11 50.19 -14.65 -8.23
C PRO F 11 50.51 -15.81 -9.19
N SER F 12 51.04 -16.91 -8.69
CA SER F 12 51.37 -18.07 -9.54
C SER F 12 50.43 -19.25 -9.24
N VAL F 13 49.98 -19.34 -8.00
CA VAL F 13 49.10 -20.40 -7.52
C VAL F 13 47.60 -20.21 -7.81
N PRO F 14 46.96 -21.21 -8.47
CA PRO F 14 45.52 -21.06 -8.77
C PRO F 14 44.65 -21.44 -7.56
N GLY F 15 43.41 -20.95 -7.56
CA GLY F 15 42.47 -21.23 -6.48
C GLY F 15 42.13 -20.02 -5.62
N PRO F 16 41.35 -20.17 -4.53
CA PRO F 16 40.77 -21.45 -4.09
C PRO F 16 39.66 -21.90 -5.04
N THR F 17 39.35 -23.18 -4.99
CA THR F 17 38.30 -23.73 -5.83
C THR F 17 36.99 -23.06 -5.35
N ALA F 18 36.13 -22.74 -6.32
CA ALA F 18 34.82 -22.14 -6.09
C ALA F 18 34.13 -22.78 -4.88
N MSE F 19 33.67 -21.94 -3.94
CA MSE F 19 33.02 -22.41 -2.71
C MSE F 19 31.93 -23.43 -2.98
O MSE F 19 31.85 -24.47 -2.33
CB MSE F 19 32.47 -21.21 -1.90
CG MSE F 19 31.87 -21.59 -0.53
SE MSE F 19 29.98 -22.11 -0.62
CE MSE F 19 29.97 -23.85 0.03
N GLU F 20 31.10 -23.15 -3.99
CA GLU F 20 29.98 -24.04 -4.31
C GLU F 20 30.49 -25.40 -4.77
N VAL F 21 31.67 -25.40 -5.39
CA VAL F 21 32.29 -26.64 -5.85
C VAL F 21 32.91 -27.37 -4.65
N ARG F 22 33.60 -26.62 -3.79
CA ARG F 22 34.20 -27.20 -2.58
C ARG F 22 33.09 -27.81 -1.69
N CYS F 23 31.94 -27.16 -1.67
CA CYS F 23 30.80 -27.62 -0.89
C CYS F 23 30.38 -29.01 -1.42
N LEU F 24 30.24 -29.13 -2.73
CA LEU F 24 29.84 -30.38 -3.34
C LEU F 24 30.93 -31.44 -3.15
N ILE F 25 32.19 -31.03 -3.26
CA ILE F 25 33.29 -31.99 -3.06
C ILE F 25 33.13 -32.62 -1.68
N MSE F 26 32.81 -31.80 -0.67
CA MSE F 26 32.62 -32.29 0.70
C MSE F 26 31.38 -33.22 0.81
O MSE F 26 31.41 -34.20 1.55
CB MSE F 26 32.51 -31.15 1.69
CG MSE F 26 33.73 -30.28 1.81
SE MSE F 26 35.36 -31.27 2.22
CE MSE F 26 35.29 -31.42 4.07
N CYS F 27 30.31 -32.90 0.09
CA CYS F 27 29.11 -33.74 0.12
C CYS F 27 29.37 -35.09 -0.48
N LEU F 28 30.19 -35.10 -1.53
CA LEU F 28 30.57 -36.33 -2.22
C LEU F 28 31.60 -37.12 -1.41
N ALA F 29 32.52 -36.40 -0.77
CA ALA F 29 33.56 -37.02 0.05
C ALA F 29 33.04 -37.62 1.35
N GLU F 30 32.03 -36.99 1.96
CA GLU F 30 31.46 -37.48 3.23
C GLU F 30 32.57 -37.67 4.27
N PRO F 31 33.27 -36.57 4.61
CA PRO F 31 34.37 -36.59 5.58
C PRO F 31 33.96 -37.11 6.95
N GLY F 32 34.74 -38.05 7.47
CA GLY F 32 34.49 -38.64 8.78
C GLY F 32 35.68 -38.32 9.66
N LYS F 33 35.44 -38.17 10.96
CA LYS F 33 36.52 -37.83 11.90
C LYS F 33 37.66 -38.85 12.00
N ASN F 34 37.44 -40.07 11.50
CA ASN F 34 38.47 -41.11 11.55
C ASN F 34 39.02 -41.40 10.14
N ASP F 35 38.73 -40.49 9.22
CA ASP F 35 39.18 -40.64 7.84
C ASP F 35 40.55 -40.04 7.63
N VAL F 36 41.30 -40.66 6.70
CA VAL F 36 42.62 -40.21 6.31
C VAL F 36 42.40 -39.75 4.86
N ALA F 37 42.71 -38.50 4.58
CA ALA F 37 42.49 -38.00 3.25
C ALA F 37 43.77 -37.45 2.62
N VAL F 38 43.78 -37.42 1.30
CA VAL F 38 44.91 -36.86 0.57
C VAL F 38 44.34 -35.87 -0.45
N ASP F 39 44.94 -34.68 -0.50
CA ASP F 39 44.54 -33.65 -1.44
C ASP F 39 45.70 -33.49 -2.41
N VAL F 40 45.58 -34.09 -3.59
CA VAL F 40 46.60 -34.02 -4.62
C VAL F 40 46.49 -32.70 -5.37
N GLY F 41 47.50 -31.85 -5.22
CA GLY F 41 47.49 -30.55 -5.86
C GLY F 41 46.65 -29.61 -4.99
N CYS F 42 47.12 -29.35 -3.77
CA CYS F 42 46.40 -28.50 -2.83
C CYS F 42 46.25 -27.04 -3.21
N GLY F 43 47.10 -26.55 -4.12
CA GLY F 43 47.05 -25.16 -4.57
C GLY F 43 46.98 -24.13 -3.46
N THR F 44 45.93 -23.30 -3.46
CA THR F 44 45.72 -22.27 -2.45
C THR F 44 45.27 -22.86 -1.11
N GLY F 45 44.74 -24.09 -1.14
CA GLY F 45 44.31 -24.73 0.09
C GLY F 45 42.79 -24.86 0.31
N GLY F 46 42.03 -24.46 -0.71
CA GLY F 46 40.58 -24.52 -0.60
C GLY F 46 40.02 -25.87 -0.13
N VAL F 47 40.51 -26.95 -0.71
CA VAL F 47 40.02 -28.27 -0.35
C VAL F 47 40.68 -28.78 0.94
N THR F 48 41.97 -28.49 1.08
CA THR F 48 42.73 -28.92 2.26
C THR F 48 42.17 -28.35 3.58
N LEU F 49 41.83 -27.07 3.58
CA LEU F 49 41.27 -26.44 4.79
C LEU F 49 39.94 -27.09 5.22
N GLU F 50 39.07 -27.37 4.26
CA GLU F 50 37.77 -27.99 4.55
C GLU F 50 37.96 -29.40 5.09
N LEU F 51 38.88 -30.16 4.49
CA LEU F 51 39.17 -31.52 4.93
C LEU F 51 39.83 -31.50 6.31
N ALA F 52 40.71 -30.53 6.52
CA ALA F 52 41.43 -30.39 7.77
C ALA F 52 40.49 -30.39 8.99
N GLY F 53 39.42 -29.62 8.91
CA GLY F 53 38.50 -29.55 10.03
C GLY F 53 37.49 -30.67 10.14
N ARG F 54 37.59 -31.69 9.29
CA ARG F 54 36.60 -32.77 9.33
C ARG F 54 37.14 -34.19 9.45
N VAL F 55 38.40 -34.37 9.07
CA VAL F 55 38.99 -35.70 9.13
C VAL F 55 40.12 -35.80 10.14
N ARG F 56 40.67 -37.00 10.30
CA ARG F 56 41.76 -37.25 11.25
C ARG F 56 43.10 -36.72 10.76
N ARG F 57 43.48 -37.10 9.54
CA ARG F 57 44.75 -36.66 8.97
C ARG F 57 44.59 -36.35 7.48
N VAL F 58 45.17 -35.24 7.04
CA VAL F 58 45.11 -34.83 5.64
C VAL F 58 46.55 -34.73 5.14
N TYR F 59 46.79 -35.24 3.94
CA TYR F 59 48.09 -35.17 3.30
C TYR F 59 47.89 -34.24 2.10
N ALA F 60 48.46 -33.03 2.17
CA ALA F 60 48.33 -32.06 1.08
C ALA F 60 49.61 -32.02 0.24
N ILE F 61 49.48 -32.36 -1.05
CA ILE F 61 50.63 -32.43 -1.96
C ILE F 61 50.60 -31.35 -3.02
N ASP F 62 51.78 -30.88 -3.43
CA ASP F 62 51.89 -29.89 -4.50
C ASP F 62 53.33 -29.74 -5.03
N ARG F 63 53.48 -29.72 -6.37
CA ARG F 63 54.77 -29.55 -7.03
C ARG F 63 55.38 -28.21 -6.65
N ASN F 64 54.57 -27.17 -6.85
CA ASN F 64 54.95 -25.78 -6.60
C ASN F 64 55.14 -25.47 -5.11
N PRO F 65 56.37 -25.05 -4.71
CA PRO F 65 56.68 -24.72 -3.30
C PRO F 65 55.84 -23.54 -2.80
N GLU F 66 55.42 -22.69 -3.75
CA GLU F 66 54.58 -21.52 -3.45
C GLU F 66 53.18 -21.93 -3.00
N ALA F 67 52.61 -22.96 -3.64
CA ALA F 67 51.30 -23.48 -3.29
C ALA F 67 51.41 -24.05 -1.87
N ILE F 68 52.50 -24.78 -1.64
CA ILE F 68 52.76 -25.32 -0.32
C ILE F 68 52.81 -24.07 0.58
N SER F 69 53.51 -23.03 0.14
CA SER F 69 53.58 -21.80 0.92
C SER F 69 52.18 -21.22 1.21
N THR F 70 51.41 -20.94 0.16
CA THR F 70 50.08 -20.34 0.30
C THR F 70 49.11 -21.17 1.15
N THR F 71 49.17 -22.50 1.03
CA THR F 71 48.30 -23.37 1.81
C THR F 71 48.59 -23.30 3.31
N GLU F 72 49.85 -23.46 3.70
CA GLU F 72 50.23 -23.44 5.13
C GLU F 72 49.92 -22.09 5.77
N MSE F 73 49.94 -21.02 4.98
CA MSE F 73 49.62 -19.66 5.46
C MSE F 73 48.16 -19.62 5.88
O MSE F 73 47.83 -19.29 7.03
CB MSE F 73 49.80 -18.63 4.35
CG MSE F 73 51.22 -18.19 4.04
SE MSE F 73 51.14 -16.57 2.95
CE MSE F 73 51.83 -17.20 1.23
N ASN F 74 47.28 -19.92 4.91
CA ASN F 74 45.83 -19.91 5.13
C ASN F 74 45.41 -20.87 6.24
N LEU F 75 46.18 -21.94 6.41
CA LEU F 75 45.93 -22.90 7.48
C LEU F 75 46.17 -22.16 8.77
N GLN F 76 47.33 -21.51 8.85
CA GLN F 76 47.72 -20.74 10.02
C GLN F 76 46.76 -19.61 10.36
N ARG F 77 46.41 -18.81 9.34
CA ARG F 77 45.49 -17.71 9.53
C ARG F 77 44.13 -18.22 10.05
N HIS F 78 43.73 -19.39 9.56
CA HIS F 78 42.47 -19.96 10.03
C HIS F 78 42.67 -20.97 11.14
N GLY F 79 43.78 -20.83 11.87
CA GLY F 79 44.05 -21.71 12.98
C GLY F 79 43.81 -23.18 12.74
N LEU F 80 44.31 -23.66 11.60
CA LEU F 80 44.19 -25.04 11.19
C LEU F 80 45.56 -25.50 10.78
N GLY F 81 45.76 -26.81 10.76
CA GLY F 81 47.05 -27.34 10.35
C GLY F 81 47.68 -28.39 11.24
N ASP F 82 47.11 -28.60 12.43
CA ASP F 82 47.69 -29.56 13.34
C ASP F 82 47.60 -31.00 12.83
N ASN F 83 46.66 -31.26 11.92
CA ASN F 83 46.48 -32.62 11.38
C ASN F 83 46.76 -32.69 9.87
N VAL F 84 47.50 -31.71 9.37
CA VAL F 84 47.83 -31.62 7.95
C VAL F 84 49.33 -31.80 7.71
N THR F 85 49.67 -32.79 6.88
CA THR F 85 51.06 -33.06 6.53
C THR F 85 51.28 -32.51 5.11
N LEU F 86 51.97 -31.38 5.02
CA LEU F 86 52.27 -30.75 3.74
C LEU F 86 53.44 -31.48 3.08
N MSE F 87 53.32 -31.76 1.78
CA MSE F 87 54.37 -32.47 1.06
C MSE F 87 54.66 -31.81 -0.28
O MSE F 87 53.83 -31.87 -1.20
CB MSE F 87 53.96 -33.92 0.81
CG MSE F 87 53.56 -34.66 2.05
SE MSE F 87 53.17 -36.54 1.74
CE MSE F 87 51.30 -36.28 1.24
N GLU F 88 55.82 -31.15 -0.38
CA GLU F 88 56.18 -30.54 -1.65
C GLU F 88 56.78 -31.62 -2.56
N GLY F 89 56.38 -31.63 -3.83
CA GLY F 89 56.91 -32.62 -4.73
C GLY F 89 55.86 -33.11 -5.70
N ASP F 90 56.30 -33.89 -6.66
CA ASP F 90 55.42 -34.45 -7.68
C ASP F 90 54.56 -35.52 -6.99
N ALA F 91 53.27 -35.49 -7.30
CA ALA F 91 52.27 -36.39 -6.70
C ALA F 91 52.55 -37.88 -6.62
N PRO F 92 52.86 -38.54 -7.75
CA PRO F 92 53.12 -39.99 -7.77
C PRO F 92 54.06 -40.50 -6.68
N GLU F 93 55.23 -39.88 -6.57
CA GLU F 93 56.19 -40.29 -5.57
C GLU F 93 55.68 -40.03 -4.15
N ALA F 94 55.23 -38.79 -3.90
CA ALA F 94 54.69 -38.35 -2.59
C ALA F 94 53.55 -39.26 -2.12
N LEU F 95 52.71 -39.64 -3.07
CA LEU F 95 51.59 -40.54 -2.79
C LEU F 95 52.10 -41.90 -2.27
N CYS F 96 53.27 -42.32 -2.74
CA CYS F 96 53.84 -43.59 -2.32
C CYS F 96 54.35 -43.60 -0.88
N LYS F 97 54.59 -42.41 -0.32
CA LYS F 97 55.09 -42.31 1.05
C LYS F 97 54.01 -42.25 2.12
N ILE F 98 52.76 -42.01 1.73
CA ILE F 98 51.67 -41.88 2.69
C ILE F 98 50.97 -43.20 2.94
N PRO F 99 50.24 -43.30 4.07
CA PRO F 99 49.52 -44.56 4.38
C PRO F 99 48.29 -44.66 3.50
N ASP F 100 47.48 -45.69 3.75
CA ASP F 100 46.25 -45.86 2.97
C ASP F 100 45.26 -44.74 3.27
N ILE F 101 44.44 -44.41 2.28
CA ILE F 101 43.49 -43.33 2.40
C ILE F 101 42.03 -43.73 2.26
N ASP F 102 41.18 -42.95 2.92
CA ASP F 102 39.74 -43.15 2.87
C ASP F 102 39.14 -42.20 1.83
N ILE F 103 39.78 -41.03 1.67
CA ILE F 103 39.34 -40.01 0.73
C ILE F 103 40.52 -39.49 -0.08
N ALA F 104 40.30 -39.35 -1.38
CA ALA F 104 41.33 -38.84 -2.28
C ALA F 104 40.71 -37.80 -3.20
N VAL F 105 41.18 -36.56 -3.11
CA VAL F 105 40.68 -35.49 -3.97
C VAL F 105 41.84 -35.07 -4.86
N VAL F 106 41.65 -35.15 -6.16
CA VAL F 106 42.69 -34.75 -7.09
C VAL F 106 42.36 -33.36 -7.64
N GLY F 107 43.00 -32.34 -7.07
CA GLY F 107 42.76 -30.97 -7.50
C GLY F 107 43.63 -30.51 -8.64
N GLY F 108 44.60 -31.33 -9.03
CA GLY F 108 45.51 -31.02 -10.14
C GLY F 108 46.31 -32.27 -10.48
N SER F 109 46.51 -32.57 -11.77
CA SER F 109 47.26 -33.76 -12.14
C SER F 109 48.56 -33.48 -12.93
N GLY F 110 48.61 -32.33 -13.59
CA GLY F 110 49.80 -31.93 -14.33
C GLY F 110 50.33 -32.90 -15.37
N GLY F 111 49.44 -33.64 -16.02
CA GLY F 111 49.87 -34.56 -17.03
C GLY F 111 50.04 -35.99 -16.54
N GLU F 112 50.00 -36.18 -15.23
CA GLU F 112 50.16 -37.53 -14.66
C GLU F 112 48.88 -38.08 -14.03
N LEU F 113 47.72 -37.66 -14.52
CA LEU F 113 46.44 -38.11 -13.97
C LEU F 113 46.32 -39.62 -13.86
N GLN F 114 46.56 -40.31 -14.96
CA GLN F 114 46.46 -41.76 -15.02
C GLN F 114 47.33 -42.44 -13.96
N GLU F 115 48.58 -42.00 -13.86
CA GLU F 115 49.53 -42.54 -12.91
C GLU F 115 49.04 -42.31 -11.50
N ILE F 116 48.62 -41.08 -11.22
CA ILE F 116 48.10 -40.72 -9.90
C ILE F 116 46.89 -41.58 -9.53
N LEU F 117 45.99 -41.83 -10.48
CA LEU F 117 44.80 -42.64 -10.19
C LEU F 117 45.10 -44.14 -9.98
N ARG F 118 46.13 -44.69 -10.65
CA ARG F 118 46.54 -46.11 -10.49
C ARG F 118 47.14 -46.27 -9.11
N ILE F 119 47.93 -45.28 -8.70
CA ILE F 119 48.55 -45.27 -7.38
C ILE F 119 47.44 -45.14 -6.33
N ILE F 120 46.50 -44.20 -6.52
CA ILE F 120 45.39 -44.01 -5.58
C ILE F 120 44.51 -45.27 -5.43
N LYS F 121 44.31 -46.02 -6.50
CA LYS F 121 43.52 -47.25 -6.43
C LYS F 121 44.10 -48.22 -5.38
N ASP F 122 45.39 -48.51 -5.49
CA ASP F 122 46.05 -49.43 -4.58
C ASP F 122 46.17 -48.93 -3.15
N LYS F 123 46.03 -47.61 -2.95
CA LYS F 123 46.12 -47.03 -1.61
C LYS F 123 44.78 -46.75 -0.96
N LEU F 124 43.70 -47.08 -1.67
CA LEU F 124 42.37 -46.83 -1.17
C LEU F 124 41.81 -47.90 -0.25
N LYS F 125 41.49 -47.52 0.99
CA LYS F 125 40.89 -48.46 1.95
C LYS F 125 39.50 -48.84 1.44
N PRO F 126 38.89 -49.90 2.01
CA PRO F 126 37.55 -50.28 1.54
C PRO F 126 36.55 -49.15 1.84
N GLY F 127 35.64 -48.89 0.91
CA GLY F 127 34.66 -47.83 1.09
C GLY F 127 35.19 -46.43 0.86
N GLY F 128 36.41 -46.34 0.33
CA GLY F 128 37.03 -45.05 0.05
C GLY F 128 36.40 -44.31 -1.13
N ARG F 129 36.58 -43.00 -1.16
CA ARG F 129 36.03 -42.17 -2.22
C ARG F 129 37.12 -41.39 -2.96
N ILE F 130 37.01 -41.35 -4.29
CA ILE F 130 37.95 -40.59 -5.12
C ILE F 130 37.12 -39.52 -5.83
N ILE F 131 37.62 -38.29 -5.83
CA ILE F 131 36.94 -37.18 -6.49
C ILE F 131 37.97 -36.37 -7.27
N VAL F 132 37.80 -36.28 -8.58
CA VAL F 132 38.71 -35.53 -9.43
C VAL F 132 38.00 -34.26 -9.89
N THR F 133 38.65 -33.13 -9.67
CA THR F 133 38.13 -31.83 -10.06
C THR F 133 38.72 -31.52 -11.44
N ALA F 134 37.86 -31.42 -12.46
CA ALA F 134 38.31 -31.15 -13.83
C ALA F 134 37.81 -29.87 -14.51
N ILE F 135 38.75 -29.05 -14.95
CA ILE F 135 38.41 -27.83 -15.68
C ILE F 135 38.80 -28.02 -17.14
N LEU F 136 39.72 -28.95 -17.41
CA LEU F 136 40.12 -29.23 -18.79
C LEU F 136 39.24 -30.31 -19.37
N LEU F 137 38.81 -30.10 -20.61
CA LEU F 137 37.96 -31.07 -21.29
C LEU F 137 38.60 -32.47 -21.34
N GLU F 138 39.91 -32.48 -21.54
CA GLU F 138 40.66 -33.73 -21.65
C GLU F 138 40.62 -34.50 -20.33
N THR F 139 40.78 -33.76 -19.24
CA THR F 139 40.76 -34.33 -17.90
C THR F 139 39.41 -34.98 -17.55
N LYS F 140 38.30 -34.38 -18.00
CA LYS F 140 36.99 -34.95 -17.74
C LYS F 140 36.91 -36.32 -18.39
N PHE F 141 37.43 -36.39 -19.61
CA PHE F 141 37.45 -37.61 -20.39
C PHE F 141 38.36 -38.64 -19.77
N GLU F 142 39.63 -38.27 -19.67
CA GLU F 142 40.69 -39.11 -19.13
C GLU F 142 40.37 -39.73 -17.77
N ALA F 143 39.86 -38.90 -16.85
CA ALA F 143 39.51 -39.34 -15.50
C ALA F 143 38.48 -40.43 -15.56
N MSE F 144 37.46 -40.26 -16.39
CA MSE F 144 36.41 -41.24 -16.51
C MSE F 144 36.84 -42.54 -17.13
O MSE F 144 36.54 -43.61 -16.59
CB MSE F 144 35.24 -40.65 -17.28
CG MSE F 144 34.54 -39.57 -16.48
SE MSE F 144 32.84 -40.16 -15.80
CE MSE F 144 31.96 -39.76 -17.46
N GLU F 145 37.55 -42.48 -18.26
CA GLU F 145 38.01 -43.71 -18.92
C GLU F 145 38.93 -44.43 -17.95
N CYS F 146 39.81 -43.68 -17.30
CA CYS F 146 40.73 -44.26 -16.36
C CYS F 146 40.03 -44.91 -15.19
N LEU F 147 39.14 -44.18 -14.54
CA LEU F 147 38.43 -44.73 -13.40
C LEU F 147 37.54 -45.94 -13.78
N ARG F 148 37.08 -46.00 -15.02
CA ARG F 148 36.30 -47.17 -15.43
C ARG F 148 37.25 -48.35 -15.53
N ASP F 149 38.39 -48.10 -16.18
CA ASP F 149 39.44 -49.12 -16.41
C ASP F 149 40.04 -49.71 -15.13
N LEU F 150 40.00 -48.95 -14.04
CA LEU F 150 40.52 -49.44 -12.79
C LEU F 150 39.42 -50.16 -12.02
N GLY F 151 38.27 -50.33 -12.66
CA GLY F 151 37.15 -51.05 -12.04
C GLY F 151 36.14 -50.30 -11.15
N PHE F 152 36.16 -48.97 -11.21
CA PHE F 152 35.22 -48.19 -10.39
C PHE F 152 33.94 -47.88 -11.12
N ASP F 153 32.88 -47.64 -10.34
CA ASP F 153 31.61 -47.23 -10.91
C ASP F 153 31.83 -45.70 -10.87
N VAL F 154 31.88 -45.08 -12.04
CA VAL F 154 32.16 -43.65 -12.15
C VAL F 154 30.98 -42.74 -12.48
N ASN F 155 30.99 -41.55 -11.90
CA ASN F 155 29.95 -40.55 -12.12
C ASN F 155 30.60 -39.19 -12.36
N ILE F 156 29.88 -38.33 -13.07
CA ILE F 156 30.39 -37.00 -13.32
C ILE F 156 29.26 -36.00 -13.18
N THR F 157 29.57 -34.89 -12.53
CA THR F 157 28.62 -33.80 -12.32
C THR F 157 29.30 -32.49 -12.72
N GLU F 158 28.63 -31.73 -13.59
CA GLU F 158 29.17 -30.45 -14.06
C GLU F 158 28.33 -29.28 -13.51
N LEU F 159 28.97 -28.40 -12.74
CA LEU F 159 28.29 -27.23 -12.17
C LEU F 159 28.63 -25.95 -12.90
N ASN F 160 27.60 -25.21 -13.31
CA ASN F 160 27.75 -23.90 -13.93
C ASN F 160 27.13 -22.98 -12.89
N ILE F 161 27.97 -22.20 -12.22
CA ILE F 161 27.52 -21.32 -11.17
C ILE F 161 27.55 -19.87 -11.58
N ALA F 162 26.52 -19.14 -11.16
CA ALA F 162 26.40 -17.72 -11.42
C ALA F 162 26.03 -17.06 -10.08
N ARG F 163 26.73 -15.97 -9.76
CA ARG F 163 26.50 -15.25 -8.51
C ARG F 163 26.13 -13.83 -8.88
N GLY F 164 25.08 -13.33 -8.24
CA GLY F 164 24.61 -11.99 -8.53
C GLY F 164 25.56 -10.92 -8.06
N ARG F 165 25.62 -9.84 -8.82
CA ARG F 165 26.48 -8.71 -8.52
C ARG F 165 25.60 -7.48 -8.69
N ALA F 166 25.81 -6.47 -7.86
CA ALA F 166 25.02 -5.25 -7.95
C ALA F 166 25.54 -4.42 -9.12
N LEU F 167 24.71 -4.23 -10.13
CA LEU F 167 25.11 -3.47 -11.29
C LEU F 167 24.62 -2.02 -11.08
N ASP F 168 23.57 -1.63 -11.80
CA ASP F 168 23.00 -0.28 -11.72
C ASP F 168 21.87 -0.29 -10.72
N ARG F 169 22.21 -0.44 -9.44
CA ARG F 169 21.20 -0.50 -8.39
C ARG F 169 20.46 -1.86 -8.51
N GLY F 170 20.46 -2.43 -9.72
CA GLY F 170 19.82 -3.71 -10.02
C GLY F 170 20.81 -4.85 -9.94
N THR F 171 20.33 -6.08 -10.12
CA THR F 171 21.17 -7.28 -10.03
C THR F 171 21.41 -8.07 -11.32
N MSE F 172 22.68 -8.28 -11.65
CA MSE F 172 23.06 -9.02 -12.85
C MSE F 172 23.76 -10.32 -12.40
O MSE F 172 24.39 -10.34 -11.35
CB MSE F 172 24.00 -8.15 -13.68
CG MSE F 172 24.98 -8.88 -14.56
SE MSE F 172 26.73 -8.05 -14.42
CE MSE F 172 26.79 -7.18 -16.15
N MSE F 173 23.59 -11.39 -13.17
CA MSE F 173 24.19 -12.69 -12.85
C MSE F 173 25.55 -12.87 -13.51
O MSE F 173 25.69 -12.75 -14.74
CB MSE F 173 23.26 -13.83 -13.24
CG MSE F 173 21.86 -13.71 -12.66
SE MSE F 173 21.87 -13.78 -10.72
CE MSE F 173 22.82 -15.46 -10.43
N VAL F 174 26.55 -13.17 -12.69
CA VAL F 174 27.93 -13.35 -13.17
C VAL F 174 28.36 -14.79 -12.99
N SER F 175 28.90 -15.34 -14.07
CA SER F 175 29.28 -16.74 -14.10
C SER F 175 30.71 -17.10 -13.74
N ARG F 176 30.89 -18.35 -13.30
CA ARG F 176 32.20 -18.87 -12.98
C ARG F 176 32.41 -19.92 -14.06
N ASN F 177 33.66 -20.17 -14.40
CA ASN F 177 33.97 -21.18 -15.41
C ASN F 177 33.42 -22.51 -14.91
N PRO F 178 32.87 -23.31 -15.83
CA PRO F 178 32.34 -24.59 -15.39
C PRO F 178 33.43 -25.51 -14.84
N VAL F 179 33.04 -26.33 -13.86
CA VAL F 179 33.94 -27.28 -13.23
C VAL F 179 33.20 -28.61 -13.12
N ALA F 180 33.86 -29.69 -13.49
CA ALA F 180 33.24 -31.00 -13.41
C ALA F 180 33.87 -31.78 -12.26
N LEU F 181 33.07 -32.62 -11.62
CA LEU F 181 33.57 -33.44 -10.54
C LEU F 181 33.35 -34.88 -10.98
N ILE F 182 34.44 -35.61 -11.18
CA ILE F 182 34.38 -37.02 -11.56
C ILE F 182 34.62 -37.81 -10.28
N TYR F 183 33.65 -38.60 -9.86
CA TYR F 183 33.78 -39.32 -8.61
C TYR F 183 33.37 -40.80 -8.68
N THR F 184 33.93 -41.59 -7.76
CA THR F 184 33.68 -43.03 -7.68
C THR F 184 32.58 -43.45 -6.69
N GLY F 185 32.17 -44.71 -6.83
CA GLY F 185 31.14 -45.29 -5.99
C GLY F 185 31.59 -45.44 -4.55
N VAL F 186 30.68 -45.04 -3.65
CA VAL F 186 30.90 -45.08 -2.19
C VAL F 186 30.86 -46.53 -1.67
N SAH G . -13.31 -5.95 7.71
CA SAH G . -12.20 -6.87 7.46
CB SAH G . -12.00 -7.15 5.96
CG SAH G . -13.25 -7.79 5.28
SD SAH G . -13.11 -8.18 3.54
C SAH G . -10.94 -6.29 8.07
O SAH G . -11.04 -5.19 8.66
OXT SAH G . -9.87 -6.93 7.98
C5' SAH G . -14.69 -8.93 3.20
C4' SAH G . -14.74 -10.38 3.51
O4' SAH G . -16.07 -10.79 3.14
C3' SAH G . -13.73 -11.33 2.69
O3' SAH G . -12.69 -12.04 3.42
C2' SAH G . -14.76 -12.23 1.97
O2' SAH G . -14.33 -13.55 1.59
C1' SAH G . -15.93 -12.16 2.91
N9 SAH G . -17.26 -12.51 2.45
C8 SAH G . -17.98 -11.93 1.37
N7 SAH G . -19.15 -12.48 1.23
C5 SAH G . -19.22 -13.48 2.23
C6 SAH G . -20.21 -14.41 2.59
N6 SAH G . -21.38 -14.49 1.97
N1 SAH G . -19.97 -15.26 3.64
C2 SAH G . -18.80 -15.17 4.26
N3 SAH G . -17.80 -14.34 4.01
C4 SAH G . -18.06 -13.51 2.98
N SAH H . -14.10 20.88 20.98
CA SAH H . -15.26 21.57 21.57
CB SAH H . -15.51 22.86 20.81
CG SAH H . -14.28 23.76 20.92
SD SAH H . -14.47 25.40 20.26
C SAH H . -16.49 20.68 21.52
O SAH H . -16.39 19.54 21.01
OXT SAH H . -17.56 21.12 22.00
C5' SAH H . -12.86 26.13 20.63
C4' SAH H . -12.81 26.77 21.99
O4' SAH H . -11.50 27.32 22.12
C3' SAH H . -13.84 27.99 22.25
O3' SAH H . -14.88 27.78 23.26
C2' SAH H . -12.83 29.12 22.56
O2' SAH H . -13.26 30.20 23.40
C1' SAH H . -11.64 28.33 23.09
N9 SAH H . -10.32 28.97 23.09
C8 SAH H . -9.66 29.42 21.94
N7 SAH H . -8.49 29.91 22.22
C5 SAH H . -8.33 29.79 23.61
C6 SAH H . -7.29 30.16 24.49
N6 SAH H . -6.15 30.70 24.06
N1 SAH H . -7.43 29.91 25.82
C2 SAH H . -8.58 29.35 26.22
N3 SAH H . -9.63 28.97 25.50
C4 SAH H . -9.45 29.21 24.18
N SAH I . -28.29 22.77 -12.20
CA SAH I . -29.04 23.97 -11.82
CB SAH I . -29.81 23.70 -10.53
CG SAH I . -30.83 22.56 -10.68
SD SAH I . -31.97 22.41 -9.29
C SAH I . -28.07 25.15 -11.63
O SAH I . -26.87 24.96 -11.84
OXT SAH I . -28.52 26.27 -11.32
C5' SAH I . -32.99 21.06 -9.88
C4' SAH I . -34.17 21.53 -10.68
O4' SAH I . -34.85 20.33 -11.06
C3' SAH I . -35.30 22.45 -9.94
O3' SAH I . -35.49 23.83 -10.40
C2' SAH I . -36.53 21.54 -10.11
O2' SAH I . -37.82 22.16 -10.15
C1' SAH I . -36.15 20.78 -11.35
N9 SAH I . -36.81 19.52 -11.65
C8 SAH I . -36.73 18.33 -10.89
N7 SAH I . -37.43 17.38 -11.44
C5 SAH I . -38.01 17.94 -12.60
C6 SAH I . -38.87 17.44 -13.62
N6 SAH I . -39.30 16.17 -13.63
N1 SAH I . -39.26 18.24 -14.63
C2 SAH I . -38.81 19.50 -14.62
N3 SAH I . -38.02 20.11 -13.75
C4 SAH I . -37.64 19.27 -12.74
N SAH J . 1.38 19.30 -13.94
CA SAH J . 2.17 18.25 -14.58
CB SAH J . 2.99 17.48 -13.52
CG SAH J . 3.94 18.41 -12.74
SD SAH J . 5.05 17.58 -11.63
C SAH J . 1.27 17.31 -15.39
O SAH J . 0.06 17.56 -15.45
OXT SAH J . 1.78 16.35 -15.99
C5' SAH J . 5.99 18.96 -11.00
C4' SAH J . 7.17 19.28 -11.85
O4' SAH J . 7.80 20.38 -11.17
C3' SAH J . 8.30 18.13 -11.99
O3' SAH J . 8.56 17.61 -13.33
C2' SAH J . 9.51 18.86 -11.33
O2' SAH J . 10.84 18.49 -11.72
C1' SAH J . 9.13 20.32 -11.59
N9 SAH J . 9.76 21.37 -10.79
C8 SAH J . 9.64 21.53 -9.40
N7 SAH J . 10.28 22.59 -9.00
C5 SAH J . 10.85 23.15 -10.15
C6 SAH J . 11.64 24.29 -10.36
N6 SAH J . 12.00 25.09 -9.34
N1 SAH J . 12.05 24.59 -11.62
C2 SAH J . 11.65 23.78 -12.61
N3 SAH J . 10.93 22.69 -12.55
C4 SAH J . 10.54 22.43 -11.27
N SAH K . 12.18 -28.48 -0.84
CA SAH K . 11.33 -29.67 -0.74
CB SAH K . 10.26 -29.68 -1.85
CG SAH K . 9.36 -28.46 -1.77
SD SAH K . 7.98 -28.52 -2.90
C SAH K . 12.16 -30.95 -0.87
O SAH K . 13.40 -30.82 -1.03
OXT SAH K . 11.56 -32.08 -0.81
C5' SAH K . 7.22 -26.98 -2.44
C4' SAH K . 6.25 -27.16 -1.32
O4' SAH K . 5.72 -25.86 -1.02
C3' SAH K . 4.96 -28.09 -1.61
O3' SAH K . 4.84 -29.38 -0.90
C2' SAH K . 3.83 -27.07 -1.31
O2' SAH K . 2.58 -27.57 -0.83
C1' SAH K . 4.53 -26.14 -0.35
N9 SAH K . 3.97 -24.82 -0.13
C8 SAH K . 3.91 -23.76 -1.06
N7 SAH K . 3.36 -22.71 -0.53
C5 SAH K . 3.06 -23.04 0.81
C6 SAH K . 2.47 -22.32 1.88
N6 SAH K . 2.08 -21.04 1.74
N1 SAH K . 2.30 -22.94 3.09
C2 SAH K . 2.71 -24.21 3.19
N3 SAH K . 3.27 -24.99 2.28
C4 SAH K . 3.43 -24.35 1.08
N SAH L . 42.02 -27.31 -5.42
CA SAH L . 42.95 -26.32 -4.82
CB SAH L . 43.77 -25.57 -5.93
CG SAH L . 44.60 -26.54 -6.81
SD SAH L . 45.34 -25.83 -8.30
C SAH L . 42.16 -25.33 -3.95
O SAH L . 40.92 -25.53 -3.84
OXT SAH L . 42.76 -24.38 -3.37
C5' SAH L . 46.17 -27.28 -8.96
C4' SAH L . 47.47 -27.60 -8.31
O4' SAH L . 47.94 -28.78 -8.96
C3' SAH L . 48.70 -26.51 -8.42
O3' SAH L . 49.17 -25.88 -7.19
C2' SAH L . 49.77 -27.41 -9.13
O2' SAH L . 51.17 -27.09 -8.90
C1' SAH L . 49.32 -28.81 -8.67
N9 SAH L . 49.75 -29.99 -9.42
C8 SAH L . 49.45 -30.29 -10.76
N7 SAH L . 49.96 -31.41 -11.10
C5 SAH L . 50.65 -31.91 -9.97
C6 SAH L . 51.41 -33.10 -9.72
N6 SAH L . 51.60 -34.05 -10.66
N1 SAH L . 51.96 -33.30 -8.50
C2 SAH L . 51.75 -32.37 -7.57
N3 SAH L . 51.08 -31.23 -7.67
C4 SAH L . 50.54 -31.05 -8.92
#